data_5XUR
#
_entry.id   5XUR
#
_cell.length_a   73.391
_cell.length_b   58.767
_cell.length_c   109.331
_cell.angle_alpha   90.000
_cell.angle_beta   100.670
_cell.angle_gamma   90.000
#
_symmetry.space_group_name_H-M   'P 1 21 1'
#
loop_
_entity.id
_entity.type
_entity.pdbx_description
1 polymer 'Thioredoxin-like reductase Rv2466c'
2 non-polymer 1,2-ETHANEDIOL
3 non-polymer 'CHLORIDE ION'
4 water water
#
_entity_poly.entity_id   1
_entity_poly.type   'polypeptide(L)'
_entity_poly.pdbx_seq_one_letter_code
;MLEKAPQKSVADFWFDPLCPWSWITSRWILEVAKVRDIEVNFHVMSLAILNENRDDLPEQYREGMARAWGPVRVAIAAEQ
AHGAKVLDPLYTAMGNRIHNQGNHELDEVITQSLADAGLPAELAKAATSDAYDNALRKSHHAGMDAVGEDVGTPTIHVNG
VAFFGPVLSKIPRGEEAGKLWDASVTFASYPHFFELKRTRTEPPQFDVEHHHHHH
;
_entity_poly.pdbx_strand_id   A,B,C,D
#
loop_
_chem_comp.id
_chem_comp.type
_chem_comp.name
_chem_comp.formula
CL non-polymer 'CHLORIDE ION' 'Cl -1'
EDO non-polymer 1,2-ETHANEDIOL 'C2 H6 O2'
#
# COMPACT_ATOMS: atom_id res chain seq x y z
N LYS A 8 -10.45 -11.37 -23.24
CA LYS A 8 -10.02 -11.98 -21.98
C LYS A 8 -9.17 -11.03 -21.14
N SER A 9 -9.58 -10.79 -19.89
CA SER A 9 -8.81 -9.92 -19.00
C SER A 9 -7.57 -10.66 -18.50
N VAL A 10 -6.44 -9.97 -18.48
CA VAL A 10 -5.19 -10.55 -17.98
C VAL A 10 -5.08 -10.34 -16.49
N ALA A 11 -4.96 -11.43 -15.74
CA ALA A 11 -4.79 -11.38 -14.29
C ALA A 11 -3.36 -11.75 -13.97
N ASP A 12 -2.62 -10.83 -13.35
CA ASP A 12 -1.29 -11.15 -12.86
C ASP A 12 -1.42 -11.61 -11.40
N PHE A 13 -0.78 -12.75 -11.09
CA PHE A 13 -0.92 -13.44 -9.81
C PHE A 13 0.47 -13.62 -9.24
N TRP A 14 0.72 -12.99 -8.09
CA TRP A 14 2.00 -13.09 -7.42
C TRP A 14 1.89 -14.12 -6.30
N PHE A 15 2.76 -15.12 -6.34
CA PHE A 15 2.73 -16.25 -5.43
C PHE A 15 4.08 -16.43 -4.74
N ASP A 16 4.05 -16.89 -3.49
CA ASP A 16 5.23 -17.47 -2.88
C ASP A 16 5.10 -18.99 -2.92
N PRO A 17 6.12 -19.70 -3.41
CA PRO A 17 6.00 -21.17 -3.52
C PRO A 17 5.82 -21.88 -2.19
N LEU A 18 6.22 -21.29 -1.07
CA LEU A 18 6.05 -21.95 0.22
C LEU A 18 4.78 -21.55 0.94
N CYS A 19 3.96 -20.70 0.34
CA CYS A 19 2.78 -20.15 1.02
C CYS A 19 1.57 -21.04 0.73
N PRO A 20 0.95 -21.63 1.75
CA PRO A 20 -0.21 -22.49 1.47
C PRO A 20 -1.44 -21.71 1.01
N TRP A 21 -1.55 -20.42 1.34
CA TRP A 21 -2.69 -19.64 0.89
C TRP A 21 -2.53 -19.25 -0.58
N SER A 22 -1.32 -18.84 -0.99
CA SER A 22 -1.07 -18.66 -2.42
C SER A 22 -1.43 -19.89 -3.22
N TRP A 23 -1.08 -21.06 -2.69
CA TRP A 23 -1.35 -22.30 -3.41
C TRP A 23 -2.85 -22.49 -3.62
N ILE A 24 -3.63 -22.43 -2.55
CA ILE A 24 -5.07 -22.65 -2.67
C ILE A 24 -5.70 -21.61 -3.60
N THR A 25 -5.33 -20.34 -3.41
CA THR A 25 -5.94 -19.31 -4.25
C THR A 25 -5.45 -19.40 -5.71
N SER A 26 -4.24 -19.94 -5.95
CA SER A 26 -3.81 -20.13 -7.34
C SER A 26 -4.58 -21.27 -8.02
N ARG A 27 -4.90 -22.33 -7.27
CA ARG A 27 -5.76 -23.37 -7.83
C ARG A 27 -7.15 -22.82 -8.08
N TRP A 28 -7.64 -21.98 -7.18
CA TRP A 28 -8.94 -21.32 -7.39
C TRP A 28 -8.93 -20.49 -8.67
N ILE A 29 -7.87 -19.69 -8.90
CA ILE A 29 -7.95 -18.79 -10.04
C ILE A 29 -7.88 -19.59 -11.34
N LEU A 30 -7.23 -20.76 -11.32
CA LEU A 30 -7.27 -21.59 -12.53
C LEU A 30 -8.66 -22.17 -12.75
N GLU A 31 -9.39 -22.45 -11.67
CA GLU A 31 -10.80 -22.82 -11.83
C GLU A 31 -11.62 -21.63 -12.30
N VAL A 32 -11.32 -20.43 -11.82
CA VAL A 32 -12.03 -19.24 -12.31
C VAL A 32 -11.85 -19.12 -13.81
N ALA A 33 -10.65 -19.38 -14.32
CA ALA A 33 -10.43 -19.18 -15.76
C ALA A 33 -11.27 -20.11 -16.60
N LYS A 34 -11.84 -21.18 -16.02
CA LYS A 34 -12.74 -22.06 -16.74
C LYS A 34 -14.20 -21.60 -16.71
N VAL A 35 -14.57 -20.64 -15.86
CA VAL A 35 -15.94 -20.15 -15.82
C VAL A 35 -16.04 -18.64 -16.00
N ARG A 36 -14.90 -17.95 -16.20
CA ARG A 36 -14.85 -16.52 -16.43
C ARG A 36 -13.76 -16.26 -17.47
N ASP A 37 -13.87 -15.15 -18.18
CA ASP A 37 -12.97 -14.87 -19.30
C ASP A 37 -11.71 -14.14 -18.82
N ILE A 38 -10.80 -14.91 -18.21
CA ILE A 38 -9.54 -14.36 -17.74
C ILE A 38 -8.43 -15.28 -18.20
N GLU A 39 -7.24 -14.72 -18.33
CA GLU A 39 -6.03 -15.51 -18.44
C GLU A 39 -5.07 -15.08 -17.34
N VAL A 40 -4.32 -16.04 -16.81
CA VAL A 40 -3.51 -15.82 -15.62
C VAL A 40 -2.04 -15.91 -16.00
N ASN A 41 -1.27 -14.88 -15.61
CA ASN A 41 0.19 -14.90 -15.64
C ASN A 41 0.69 -14.95 -14.21
N PHE A 42 1.46 -15.98 -13.87
CA PHE A 42 2.01 -16.11 -12.53
C PHE A 42 3.38 -15.44 -12.46
N HIS A 43 3.70 -14.90 -11.27
CA HIS A 43 4.99 -14.25 -10.99
C HIS A 43 5.36 -14.53 -9.55
N VAL A 44 6.61 -14.80 -9.30
CA VAL A 44 7.00 -15.11 -7.94
C VAL A 44 7.10 -13.82 -7.14
N MET A 45 6.83 -13.93 -5.84
CA MET A 45 6.92 -12.83 -4.90
C MET A 45 7.24 -13.43 -3.54
N SER A 46 8.15 -12.82 -2.81
CA SER A 46 8.39 -13.21 -1.43
C SER A 46 8.49 -11.98 -0.55
N LEU A 47 7.76 -11.99 0.56
CA LEU A 47 7.84 -10.89 1.51
C LEU A 47 9.23 -10.78 2.13
N ALA A 48 10.03 -11.81 2.03
CA ALA A 48 11.38 -11.77 2.61
C ALA A 48 12.33 -10.93 1.78
N ILE A 49 12.02 -10.65 0.52
CA ILE A 49 12.90 -9.83 -0.31
C ILE A 49 13.07 -8.45 0.30
N LEU A 50 11.96 -7.80 0.65
CA LEU A 50 12.05 -6.42 1.14
C LEU A 50 12.09 -6.31 2.65
N ASN A 51 11.83 -7.38 3.38
CA ASN A 51 11.80 -7.28 4.86
C ASN A 51 11.83 -8.72 5.44
N GLU A 52 13.06 -9.20 5.68
CA GLU A 52 13.25 -10.55 6.21
C GLU A 52 12.69 -10.73 7.62
N ASN A 53 12.33 -9.65 8.31
CA ASN A 53 12.00 -9.71 9.73
C ASN A 53 10.51 -9.76 10.03
N ARG A 54 9.64 -9.60 9.03
CA ARG A 54 8.23 -9.55 9.37
C ARG A 54 7.74 -10.92 9.85
N ASP A 55 6.74 -10.89 10.73
CA ASP A 55 6.24 -12.09 11.39
C ASP A 55 5.19 -12.83 10.57
N ASP A 56 4.80 -12.32 9.42
CA ASP A 56 3.79 -12.96 8.59
C ASP A 56 4.38 -13.70 7.39
N LEU A 57 5.65 -14.11 7.48
CA LEU A 57 6.24 -14.94 6.44
C LEU A 57 5.66 -16.35 6.51
N PRO A 58 5.59 -17.04 5.37
CA PRO A 58 5.14 -18.44 5.38
C PRO A 58 5.90 -19.28 6.41
N GLU A 59 5.19 -20.26 6.96
CA GLU A 59 5.71 -21.00 8.11
C GLU A 59 7.05 -21.65 7.79
N GLN A 60 7.25 -22.10 6.56
CA GLN A 60 8.48 -22.82 6.24
C GLN A 60 9.71 -21.92 6.25
N TYR A 61 9.53 -20.59 6.17
CA TYR A 61 10.69 -19.72 6.33
C TYR A 61 11.30 -19.86 7.72
N ARG A 62 10.50 -20.24 8.72
CA ARG A 62 11.03 -20.47 10.08
C ARG A 62 12.12 -21.54 10.08
N GLU A 63 11.94 -22.59 9.30
CA GLU A 63 12.90 -23.69 9.27
C GLU A 63 14.22 -23.32 8.59
N GLY A 64 14.45 -22.09 8.16
CA GLY A 64 15.74 -21.73 7.58
C GLY A 64 15.64 -20.93 6.30
N MET A 65 16.27 -19.74 6.28
CA MET A 65 16.20 -18.86 5.13
C MET A 65 16.90 -19.45 3.92
N ALA A 66 18.09 -20.03 4.12
CA ALA A 66 18.85 -20.59 3.01
C ALA A 66 18.01 -21.61 2.24
N ARG A 67 17.30 -22.47 2.96
CA ARG A 67 16.42 -23.44 2.35
C ARG A 67 15.24 -22.76 1.65
N ALA A 68 14.62 -21.80 2.32
CA ALA A 68 13.40 -21.18 1.77
C ALA A 68 13.69 -20.40 0.50
N TRP A 69 14.89 -19.81 0.38
CA TRP A 69 15.21 -19.00 -0.80
C TRP A 69 15.23 -19.84 -2.08
N GLY A 70 15.49 -21.15 -1.97
CA GLY A 70 15.69 -21.98 -3.13
C GLY A 70 14.60 -21.90 -4.19
N PRO A 71 13.36 -22.24 -3.81
CA PRO A 71 12.27 -22.18 -4.80
C PRO A 71 12.00 -20.78 -5.32
N VAL A 72 12.16 -19.76 -4.47
CA VAL A 72 11.94 -18.39 -4.92
C VAL A 72 12.93 -18.00 -6.00
N ARG A 73 14.22 -18.28 -5.78
CA ARG A 73 15.25 -17.84 -6.72
C ARG A 73 15.14 -18.59 -8.04
N VAL A 74 14.81 -19.88 -7.99
CA VAL A 74 14.64 -20.64 -9.22
C VAL A 74 13.46 -20.09 -10.02
N ALA A 75 12.36 -19.74 -9.35
CA ALA A 75 11.23 -19.14 -10.06
C ALA A 75 11.60 -17.77 -10.64
N ILE A 76 12.39 -16.97 -9.92
CA ILE A 76 12.86 -15.70 -10.47
C ILE A 76 13.70 -15.95 -11.73
N ALA A 77 14.67 -16.87 -11.60
CA ALA A 77 15.56 -17.14 -12.72
C ALA A 77 14.78 -17.63 -13.93
N ALA A 78 13.81 -18.52 -13.71
CA ALA A 78 13.01 -19.07 -14.80
C ALA A 78 12.21 -17.97 -15.51
N GLU A 79 11.53 -17.12 -14.73
CA GLU A 79 10.77 -16.04 -15.37
C GLU A 79 11.68 -15.07 -16.11
N GLN A 80 12.84 -14.74 -15.54
CA GLN A 80 13.73 -13.80 -16.20
C GLN A 80 14.22 -14.34 -17.53
N ALA A 81 14.47 -15.64 -17.61
CA ALA A 81 15.04 -16.22 -18.82
C ALA A 81 13.98 -16.64 -19.84
N HIS A 82 12.76 -16.96 -19.39
CA HIS A 82 11.77 -17.56 -20.29
C HIS A 82 10.40 -16.90 -20.26
N GLY A 83 10.17 -15.93 -19.39
CA GLY A 83 8.89 -15.26 -19.32
C GLY A 83 7.97 -15.91 -18.31
N ALA A 84 6.93 -15.18 -17.93
CA ALA A 84 6.00 -15.65 -16.90
C ALA A 84 5.27 -16.91 -17.34
N LYS A 85 5.11 -17.12 -18.64
CA LYS A 85 4.32 -18.25 -19.11
C LYS A 85 4.83 -19.58 -18.55
N VAL A 86 6.15 -19.72 -18.36
CA VAL A 86 6.67 -21.00 -17.86
C VAL A 86 6.42 -21.19 -16.37
N LEU A 87 6.04 -20.12 -15.65
CA LEU A 87 5.76 -20.29 -14.23
C LEU A 87 4.45 -21.03 -13.98
N ASP A 88 3.52 -21.00 -14.92
CA ASP A 88 2.30 -21.78 -14.71
C ASP A 88 2.63 -23.27 -14.53
N PRO A 89 3.30 -23.95 -15.47
CA PRO A 89 3.67 -25.37 -15.17
C PRO A 89 4.69 -25.51 -14.06
N LEU A 90 5.65 -24.58 -13.92
CA LEU A 90 6.64 -24.70 -12.85
C LEU A 90 5.98 -24.63 -11.48
N TYR A 91 5.13 -23.64 -11.26
CA TYR A 91 4.45 -23.50 -9.98
C TYR A 91 3.56 -24.70 -9.70
N THR A 92 2.80 -25.14 -10.71
CA THR A 92 1.94 -26.31 -10.50
C THR A 92 2.76 -27.52 -10.04
N ALA A 93 3.92 -27.73 -10.66
CA ALA A 93 4.76 -28.86 -10.27
C ALA A 93 5.32 -28.68 -8.87
N MET A 94 5.81 -27.48 -8.53
CA MET A 94 6.36 -27.26 -7.19
C MET A 94 5.27 -27.39 -6.14
N GLY A 95 4.15 -26.72 -6.35
CA GLY A 95 3.09 -26.70 -5.35
C GLY A 95 2.46 -28.06 -5.13
N ASN A 96 2.28 -28.84 -6.20
CA ASN A 96 1.76 -30.21 -6.02
C ASN A 96 2.63 -30.97 -5.04
N ARG A 97 3.94 -30.79 -5.11
CA ARG A 97 4.82 -31.57 -4.24
C ARG A 97 4.89 -30.95 -2.86
N ILE A 98 5.13 -29.63 -2.80
CA ILE A 98 5.29 -28.95 -1.52
C ILE A 98 4.01 -29.02 -0.72
N HIS A 99 2.87 -28.69 -1.35
CA HIS A 99 1.63 -28.53 -0.59
C HIS A 99 0.77 -29.80 -0.63
N ASN A 100 0.41 -30.29 -1.82
CA ASN A 100 -0.51 -31.43 -1.88
C ASN A 100 0.15 -32.69 -1.30
N GLN A 101 1.46 -32.86 -1.51
CA GLN A 101 2.15 -34.08 -1.13
C GLN A 101 3.04 -33.90 0.09
N GLY A 102 3.19 -32.68 0.59
CA GLY A 102 3.99 -32.46 1.78
C GLY A 102 5.45 -32.82 1.60
N ASN A 103 6.00 -32.60 0.41
CA ASN A 103 7.39 -32.91 0.15
C ASN A 103 8.28 -31.83 0.77
N HIS A 104 9.15 -32.22 1.69
CA HIS A 104 9.97 -31.29 2.45
C HIS A 104 11.36 -31.11 1.85
N GLU A 105 11.75 -31.96 0.90
CA GLU A 105 13.10 -31.91 0.32
C GLU A 105 13.05 -31.01 -0.91
N LEU A 106 13.30 -29.72 -0.68
CA LEU A 106 13.05 -28.73 -1.72
C LEU A 106 14.06 -28.84 -2.87
N ASP A 107 15.29 -29.30 -2.59
CA ASP A 107 16.24 -29.54 -3.67
C ASP A 107 15.67 -30.53 -4.68
N GLU A 108 15.06 -31.61 -4.19
CA GLU A 108 14.39 -32.58 -5.06
C GLU A 108 13.13 -31.98 -5.70
N VAL A 109 12.35 -31.20 -4.95
CA VAL A 109 11.17 -30.57 -5.56
C VAL A 109 11.59 -29.74 -6.75
N ILE A 110 12.67 -28.95 -6.58
CA ILE A 110 13.15 -28.06 -7.64
C ILE A 110 13.55 -28.84 -8.87
N THR A 111 14.33 -29.91 -8.69
CA THR A 111 14.82 -30.67 -9.83
C THR A 111 13.66 -31.31 -10.59
N GLN A 112 12.75 -31.96 -9.87
CA GLN A 112 11.64 -32.63 -10.53
C GLN A 112 10.68 -31.64 -11.17
N SER A 113 10.54 -30.45 -10.57
CA SER A 113 9.57 -29.49 -11.08
C SER A 113 10.09 -28.81 -12.33
N LEU A 114 11.37 -28.43 -12.32
CA LEU A 114 11.99 -27.95 -13.55
C LEU A 114 11.85 -28.96 -14.68
N ALA A 115 12.13 -30.24 -14.39
CA ALA A 115 11.92 -31.31 -15.38
C ALA A 115 10.47 -31.35 -15.87
N ASP A 116 9.50 -31.38 -14.95
CA ASP A 116 8.08 -31.44 -15.36
C ASP A 116 7.71 -30.25 -16.23
N ALA A 117 8.29 -29.09 -15.96
CA ALA A 117 7.98 -27.89 -16.72
C ALA A 117 8.74 -27.81 -18.03
N GLY A 118 9.61 -28.79 -18.33
CA GLY A 118 10.43 -28.71 -19.52
C GLY A 118 11.43 -27.59 -19.51
N LEU A 119 11.95 -27.23 -18.35
CA LEU A 119 12.90 -26.13 -18.22
C LEU A 119 14.32 -26.67 -18.05
N PRO A 120 15.34 -25.89 -18.39
CA PRO A 120 16.72 -26.38 -18.25
C PRO A 120 17.03 -26.76 -16.81
N ALA A 121 17.69 -27.91 -16.65
CA ALA A 121 18.03 -28.37 -15.31
C ALA A 121 19.00 -27.43 -14.62
N GLU A 122 19.80 -26.66 -15.37
CA GLU A 122 20.76 -25.73 -14.78
C GLU A 122 20.10 -24.66 -13.93
N LEU A 123 18.83 -24.32 -14.20
CA LEU A 123 18.16 -23.32 -13.38
C LEU A 123 18.12 -23.70 -11.90
N ALA A 124 18.39 -24.96 -11.55
CA ALA A 124 18.42 -25.31 -10.13
C ALA A 124 19.54 -24.57 -9.42
N LYS A 125 20.60 -24.20 -10.15
CA LYS A 125 21.73 -23.52 -9.53
C LYS A 125 21.38 -22.12 -9.04
N ALA A 126 20.24 -21.56 -9.45
CA ALA A 126 19.82 -20.27 -8.91
C ALA A 126 19.54 -20.36 -7.42
N ALA A 127 19.32 -21.55 -6.89
CA ALA A 127 18.84 -21.71 -5.52
C ALA A 127 19.77 -21.06 -4.50
N THR A 128 21.08 -21.08 -4.76
CA THR A 128 22.07 -20.56 -3.83
C THR A 128 22.67 -19.22 -4.28
N SER A 129 22.12 -18.61 -5.33
CA SER A 129 22.65 -17.39 -5.91
C SER A 129 21.83 -16.18 -5.46
N ASP A 130 22.40 -15.35 -4.57
CA ASP A 130 21.63 -14.24 -4.03
C ASP A 130 21.49 -13.09 -5.02
N ALA A 131 22.09 -13.19 -6.20
CA ALA A 131 21.88 -12.16 -7.22
C ALA A 131 20.41 -12.02 -7.56
N TYR A 132 19.65 -13.13 -7.57
CA TYR A 132 18.29 -13.07 -8.07
C TYR A 132 17.38 -12.25 -7.16
N ASP A 133 17.40 -12.53 -5.85
CA ASP A 133 16.55 -11.75 -4.96
C ASP A 133 17.12 -10.35 -4.70
N ASN A 134 18.45 -10.20 -4.70
CA ASN A 134 18.99 -8.90 -4.38
C ASN A 134 18.77 -7.90 -5.52
N ALA A 135 18.65 -8.38 -6.77
CA ALA A 135 18.31 -7.49 -7.87
C ALA A 135 16.92 -6.89 -7.70
N LEU A 136 15.96 -7.71 -7.29
CA LEU A 136 14.63 -7.20 -6.98
C LEU A 136 14.69 -6.22 -5.81
N ARG A 137 15.38 -6.62 -4.73
CA ARG A 137 15.44 -5.79 -3.54
C ARG A 137 16.03 -4.41 -3.84
N LYS A 138 17.11 -4.38 -4.61
CA LYS A 138 17.81 -3.11 -4.88
C LYS A 138 16.93 -2.15 -5.66
N SER A 139 15.97 -2.65 -6.43
CA SER A 139 15.06 -1.77 -7.15
C SER A 139 13.69 -1.73 -6.49
N HIS A 140 13.59 -2.19 -5.24
CA HIS A 140 12.38 -2.05 -4.43
C HIS A 140 11.22 -2.88 -4.98
N HIS A 141 11.53 -4.04 -5.55
CA HIS A 141 10.51 -4.96 -6.05
C HIS A 141 10.28 -6.10 -5.06
N ALA A 142 9.03 -6.28 -4.65
CA ALA A 142 8.72 -7.42 -3.78
C ALA A 142 8.57 -8.72 -4.55
N GLY A 143 8.28 -8.65 -5.84
CA GLY A 143 8.16 -9.84 -6.66
C GLY A 143 8.60 -9.50 -8.06
N MET A 144 8.73 -10.53 -8.89
CA MET A 144 9.02 -10.31 -10.29
C MET A 144 7.93 -9.49 -10.93
N ASP A 145 8.33 -8.42 -11.64
CA ASP A 145 7.42 -7.55 -12.37
C ASP A 145 6.33 -6.97 -11.47
N ALA A 146 6.68 -6.65 -10.23
CA ALA A 146 5.79 -5.92 -9.34
C ALA A 146 6.43 -4.64 -8.84
N VAL A 147 5.66 -3.55 -8.81
CA VAL A 147 5.99 -2.40 -7.99
C VAL A 147 4.81 -2.16 -7.06
N GLY A 148 5.08 -1.45 -5.98
CA GLY A 148 4.00 -1.06 -5.09
C GLY A 148 4.05 -1.83 -3.79
N GLU A 149 2.88 -2.01 -3.15
CA GLU A 149 2.78 -2.69 -1.87
C GLU A 149 3.06 -4.19 -2.00
N ASP A 150 3.55 -4.79 -0.91
CA ASP A 150 3.51 -6.24 -0.74
C ASP A 150 2.79 -6.50 0.58
N VAL A 151 1.46 -6.39 0.52
CA VAL A 151 0.64 -6.70 1.69
C VAL A 151 0.83 -8.17 2.08
N GLY A 152 1.02 -9.04 1.11
CA GLY A 152 1.11 -10.46 1.36
C GLY A 152 0.92 -11.21 0.05
N THR A 153 1.05 -12.54 0.15
CA THR A 153 0.71 -13.39 -0.99
C THR A 153 -0.52 -14.20 -0.61
N PRO A 154 -1.44 -14.46 -1.54
CA PRO A 154 -1.41 -14.11 -2.96
C PRO A 154 -1.82 -12.67 -3.22
N THR A 155 -1.27 -12.04 -4.25
CA THR A 155 -1.76 -10.75 -4.72
C THR A 155 -2.11 -10.90 -6.19
N ILE A 156 -3.21 -10.29 -6.58
CA ILE A 156 -3.74 -10.42 -7.93
C ILE A 156 -4.00 -9.03 -8.47
N HIS A 157 -3.56 -8.77 -9.70
CA HIS A 157 -3.87 -7.52 -10.38
C HIS A 157 -4.66 -7.88 -11.61
N VAL A 158 -5.81 -7.23 -11.80
CA VAL A 158 -6.65 -7.45 -12.96
C VAL A 158 -7.55 -6.23 -13.14
N ASN A 159 -7.84 -5.89 -14.39
CA ASN A 159 -8.81 -4.82 -14.70
C ASN A 159 -8.46 -3.53 -13.99
N GLY A 160 -7.16 -3.18 -13.98
CA GLY A 160 -6.76 -1.92 -13.38
C GLY A 160 -6.79 -1.85 -11.86
N VAL A 161 -7.12 -2.94 -11.15
CA VAL A 161 -7.10 -2.90 -9.68
C VAL A 161 -6.33 -4.10 -9.17
N ALA A 162 -6.01 -4.10 -7.88
CA ALA A 162 -5.24 -5.17 -7.28
C ALA A 162 -5.72 -5.47 -5.86
N PHE A 163 -5.57 -6.73 -5.47
CA PHE A 163 -6.06 -7.15 -4.15
C PHE A 163 -5.21 -8.26 -3.60
N PHE A 164 -5.11 -8.29 -2.28
CA PHE A 164 -4.54 -9.41 -1.56
C PHE A 164 -5.67 -10.37 -1.22
N GLY A 165 -5.47 -11.65 -1.51
CA GLY A 165 -6.51 -12.61 -1.32
C GLY A 165 -7.18 -12.97 -2.64
N PRO A 166 -8.41 -13.49 -2.58
CA PRO A 166 -9.09 -13.90 -1.35
C PRO A 166 -8.34 -15.00 -0.62
N VAL A 167 -8.32 -14.88 0.70
CA VAL A 167 -7.76 -15.94 1.53
C VAL A 167 -8.82 -17.02 1.67
N LEU A 168 -8.53 -18.21 1.13
CA LEU A 168 -9.46 -19.32 1.13
C LEU A 168 -8.81 -20.55 1.77
N SER A 169 -9.57 -21.27 2.60
CA SER A 169 -9.01 -22.47 3.23
C SER A 169 -9.28 -23.75 2.43
N LYS A 170 -10.07 -23.63 1.37
CA LYS A 170 -10.39 -24.74 0.50
C LYS A 170 -10.48 -24.19 -0.92
N ILE A 171 -10.22 -25.05 -1.91
CA ILE A 171 -10.30 -24.63 -3.30
C ILE A 171 -11.76 -24.67 -3.74
N PRO A 172 -12.40 -23.53 -4.01
CA PRO A 172 -13.76 -23.56 -4.55
C PRO A 172 -13.75 -24.02 -6.00
N ARG A 173 -14.85 -24.65 -6.41
CA ARG A 173 -14.93 -25.23 -7.74
C ARG A 173 -16.17 -24.73 -8.45
N GLY A 174 -16.13 -24.79 -9.78
CA GLY A 174 -17.34 -24.54 -10.55
C GLY A 174 -17.78 -23.08 -10.49
N GLU A 175 -19.10 -22.89 -10.56
CA GLU A 175 -19.64 -21.54 -10.61
C GLU A 175 -19.42 -20.81 -9.29
N GLU A 176 -19.29 -21.55 -8.18
CA GLU A 176 -18.97 -20.89 -6.92
C GLU A 176 -17.62 -20.18 -7.01
N ALA A 177 -16.63 -20.83 -7.66
CA ALA A 177 -15.34 -20.15 -7.86
C ALA A 177 -15.54 -18.84 -8.61
N GLY A 178 -16.37 -18.84 -9.64
CA GLY A 178 -16.59 -17.61 -10.39
C GLY A 178 -17.32 -16.55 -9.60
N LYS A 179 -18.24 -16.95 -8.71
CA LYS A 179 -18.94 -15.97 -7.89
C LYS A 179 -17.96 -15.30 -6.92
N LEU A 180 -17.05 -16.07 -6.35
CA LEU A 180 -16.03 -15.50 -5.47
C LEU A 180 -15.08 -14.56 -6.23
N TRP A 181 -14.81 -14.89 -7.49
CA TRP A 181 -14.06 -13.98 -8.34
C TRP A 181 -14.80 -12.67 -8.51
N ASP A 182 -16.09 -12.74 -8.89
CA ASP A 182 -16.90 -11.53 -9.08
C ASP A 182 -16.92 -10.68 -7.81
N ALA A 183 -17.09 -11.32 -6.65
CA ALA A 183 -17.09 -10.57 -5.39
C ALA A 183 -15.74 -9.90 -5.14
N SER A 184 -14.63 -10.63 -5.37
CA SER A 184 -13.32 -10.05 -5.12
C SER A 184 -13.08 -8.84 -6.00
N VAL A 185 -13.40 -8.95 -7.28
CA VAL A 185 -13.15 -7.83 -8.20
C VAL A 185 -14.07 -6.65 -7.88
N THR A 186 -15.30 -6.93 -7.45
CA THR A 186 -16.22 -5.85 -7.07
C THR A 186 -15.68 -5.05 -5.90
N PHE A 187 -15.27 -5.73 -4.81
CA PHE A 187 -14.68 -5.00 -3.70
C PHE A 187 -13.39 -4.29 -4.11
N ALA A 188 -12.50 -4.97 -4.83
CA ALA A 188 -11.25 -4.30 -5.20
C ALA A 188 -11.48 -3.11 -6.11
N SER A 189 -12.60 -3.07 -6.82
CA SER A 189 -12.84 -1.98 -7.75
C SER A 189 -13.47 -0.78 -7.07
N TYR A 190 -13.84 -0.86 -5.80
CA TYR A 190 -14.32 0.33 -5.12
C TYR A 190 -13.10 1.05 -4.53
N PRO A 191 -12.75 2.25 -5.00
CA PRO A 191 -11.46 2.86 -4.62
C PRO A 191 -11.36 3.23 -3.15
N HIS A 192 -12.44 3.19 -2.38
CA HIS A 192 -12.39 3.54 -0.97
C HIS A 192 -12.65 2.34 -0.07
N PHE A 193 -12.46 1.14 -0.62
CA PHE A 193 -12.48 -0.10 0.17
C PHE A 193 -11.06 -0.51 0.55
N PHE A 194 -10.90 -0.99 1.77
CA PHE A 194 -9.60 -1.35 2.30
C PHE A 194 -9.48 -2.80 2.77
N GLU A 195 -10.46 -3.31 3.51
CA GLU A 195 -10.26 -4.64 4.12
C GLU A 195 -11.60 -5.25 4.51
N LEU A 196 -11.70 -6.57 4.36
CA LEU A 196 -12.81 -7.37 4.87
C LEU A 196 -12.21 -8.65 5.42
N LYS A 197 -12.46 -8.95 6.69
CA LYS A 197 -11.75 -10.04 7.35
C LYS A 197 -12.69 -10.82 8.25
N ARG A 198 -12.65 -12.14 8.12
CA ARG A 198 -13.38 -13.04 8.99
C ARG A 198 -12.36 -13.87 9.76
N THR A 199 -12.57 -14.02 11.07
CA THR A 199 -11.65 -14.79 11.90
C THR A 199 -11.47 -16.19 11.33
N ARG A 200 -10.23 -16.57 11.07
CA ARG A 200 -9.97 -17.85 10.39
CA ARG A 200 -10.01 -17.85 10.38
C ARG A 200 -10.16 -18.99 11.38
N THR A 201 -11.07 -19.90 11.06
CA THR A 201 -11.43 -21.01 11.91
C THR A 201 -10.95 -22.34 11.34
N GLU A 202 -10.18 -22.30 10.24
CA GLU A 202 -9.80 -23.50 9.53
C GLU A 202 -8.37 -23.35 9.02
N PRO A 203 -7.58 -24.40 9.02
CA PRO A 203 -6.27 -24.34 8.38
C PRO A 203 -6.40 -24.57 6.88
N PRO A 204 -5.36 -24.31 6.11
CA PRO A 204 -5.42 -24.62 4.68
C PRO A 204 -5.66 -26.11 4.47
N GLN A 205 -6.59 -26.42 3.58
CA GLN A 205 -6.97 -27.81 3.35
C GLN A 205 -6.90 -28.06 1.84
N PHE A 206 -5.94 -28.87 1.43
CA PHE A 206 -5.71 -29.14 0.03
C PHE A 206 -6.57 -30.33 -0.42
N ASP A 207 -6.70 -30.49 -1.73
CA ASP A 207 -7.56 -31.55 -2.27
C ASP A 207 -7.03 -32.95 -1.96
N MET B 1 -19.97 -26.26 -4.07
CA MET B 1 -21.41 -26.11 -3.91
C MET B 1 -21.85 -24.69 -4.27
N LEU B 2 -22.77 -24.59 -5.23
CA LEU B 2 -23.29 -23.29 -5.64
C LEU B 2 -24.17 -22.75 -4.53
N GLU B 3 -23.58 -21.99 -3.61
CA GLU B 3 -24.29 -21.49 -2.46
C GLU B 3 -25.35 -20.47 -2.90
N LYS B 4 -26.52 -20.53 -2.26
CA LYS B 4 -27.62 -19.61 -2.55
C LYS B 4 -27.91 -18.76 -1.33
N ALA B 5 -28.16 -17.47 -1.58
CA ALA B 5 -28.47 -16.53 -0.51
C ALA B 5 -29.85 -16.84 0.08
N PRO B 6 -30.09 -16.43 1.32
CA PRO B 6 -31.45 -16.53 1.87
C PRO B 6 -32.41 -15.64 1.10
N GLN B 7 -33.70 -15.84 1.36
CA GLN B 7 -34.72 -15.06 0.66
C GLN B 7 -34.53 -13.56 0.90
N LYS B 8 -34.40 -13.17 2.17
CA LYS B 8 -34.07 -11.79 2.53
C LYS B 8 -32.83 -11.83 3.43
N SER B 9 -31.75 -11.21 2.98
CA SER B 9 -30.54 -11.21 3.77
C SER B 9 -30.66 -10.21 4.92
N VAL B 10 -29.80 -10.38 5.91
CA VAL B 10 -29.87 -9.64 7.16
C VAL B 10 -28.51 -9.02 7.45
N ALA B 11 -28.50 -7.72 7.75
CA ALA B 11 -27.33 -7.02 8.25
C ALA B 11 -27.57 -6.72 9.71
N ASP B 12 -26.76 -7.31 10.59
CA ASP B 12 -26.74 -6.95 12.01
C ASP B 12 -25.48 -6.11 12.26
N PHE B 13 -25.68 -4.91 12.80
CA PHE B 13 -24.60 -3.91 12.86
C PHE B 13 -24.43 -3.39 14.28
N TRP B 14 -23.28 -3.67 14.90
CA TRP B 14 -22.98 -3.14 16.22
C TRP B 14 -22.23 -1.82 16.05
N PHE B 15 -22.67 -0.78 16.77
CA PHE B 15 -22.10 0.55 16.60
C PHE B 15 -21.82 1.21 17.94
N ASP B 16 -20.77 2.03 17.96
CA ASP B 16 -20.54 3.08 18.94
C ASP B 16 -20.55 4.40 18.17
N PRO B 17 -21.40 5.37 18.52
CA PRO B 17 -21.48 6.62 17.73
C PRO B 17 -20.15 7.36 17.56
N LEU B 18 -19.17 7.11 18.43
CA LEU B 18 -17.90 7.81 18.37
C LEU B 18 -16.97 7.30 17.27
N CYS B 19 -17.24 6.14 16.67
CA CYS B 19 -16.29 5.59 15.70
C CYS B 19 -16.59 6.14 14.32
N PRO B 20 -15.65 6.84 13.68
CA PRO B 20 -15.92 7.37 12.33
C PRO B 20 -16.03 6.28 11.28
N TRP B 21 -15.30 5.17 11.44
CA TRP B 21 -15.34 4.12 10.44
C TRP B 21 -16.65 3.36 10.49
N SER B 22 -17.14 3.09 11.70
CA SER B 22 -18.48 2.50 11.85
C SER B 22 -19.54 3.46 11.31
N TRP B 23 -19.36 4.76 11.51
CA TRP B 23 -20.30 5.73 10.95
C TRP B 23 -20.41 5.54 9.44
N ILE B 24 -19.27 5.46 8.77
CA ILE B 24 -19.27 5.32 7.31
C ILE B 24 -19.88 3.99 6.90
N THR B 25 -19.47 2.91 7.55
CA THR B 25 -19.98 1.61 7.15
C THR B 25 -21.47 1.46 7.48
N SER B 26 -21.93 2.08 8.57
CA SER B 26 -23.37 2.05 8.82
C SER B 26 -24.15 2.84 7.77
N ARG B 27 -23.59 3.97 7.28
CA ARG B 27 -24.30 4.72 6.25
C ARG B 27 -24.34 3.94 4.95
N TRP B 28 -23.27 3.18 4.66
CA TRP B 28 -23.28 2.28 3.51
C TRP B 28 -24.44 1.29 3.61
N ILE B 29 -24.61 0.67 4.78
CA ILE B 29 -25.70 -0.29 4.96
C ILE B 29 -27.05 0.38 4.76
N LEU B 30 -27.21 1.62 5.24
CA LEU B 30 -28.48 2.31 4.95
C LEU B 30 -28.62 2.63 3.47
N GLU B 31 -27.51 2.87 2.76
CA GLU B 31 -27.63 3.04 1.31
C GLU B 31 -28.00 1.72 0.64
N VAL B 32 -27.43 0.61 1.11
CA VAL B 32 -27.78 -0.70 0.56
C VAL B 32 -29.29 -0.93 0.69
N ALA B 33 -29.85 -0.58 1.85
CA ALA B 33 -31.27 -0.84 2.10
C ALA B 33 -32.20 -0.08 1.15
N LYS B 34 -31.69 0.90 0.41
CA LYS B 34 -32.53 1.58 -0.58
C LYS B 34 -32.59 0.85 -1.91
N VAL B 35 -31.63 -0.04 -2.20
CA VAL B 35 -31.55 -0.71 -3.50
C VAL B 35 -31.58 -2.21 -3.38
N ARG B 36 -31.61 -2.74 -2.17
CA ARG B 36 -31.69 -4.17 -1.92
C ARG B 36 -32.71 -4.39 -0.81
N ASP B 37 -33.46 -5.48 -0.90
CA ASP B 37 -34.47 -5.82 0.10
C ASP B 37 -33.78 -6.59 1.22
N ILE B 38 -33.40 -5.90 2.31
CA ILE B 38 -32.65 -6.49 3.39
C ILE B 38 -33.21 -6.02 4.73
N GLU B 39 -32.96 -6.83 5.75
CA GLU B 39 -33.25 -6.46 7.13
C GLU B 39 -32.00 -5.81 7.73
N VAL B 40 -32.18 -4.68 8.40
CA VAL B 40 -31.07 -3.97 9.05
C VAL B 40 -31.38 -3.89 10.54
N ASN B 41 -30.56 -4.54 11.37
CA ASN B 41 -30.73 -4.47 12.82
C ASN B 41 -29.50 -3.83 13.44
N PHE B 42 -29.70 -2.69 14.11
CA PHE B 42 -28.62 -2.03 14.84
C PHE B 42 -28.54 -2.52 16.28
N HIS B 43 -27.32 -2.57 16.80
CA HIS B 43 -27.04 -3.01 18.16
C HIS B 43 -25.93 -2.13 18.72
N VAL B 44 -25.93 -1.90 20.03
CA VAL B 44 -24.93 -1.06 20.67
C VAL B 44 -23.71 -1.89 21.05
N MET B 45 -22.52 -1.36 20.76
CA MET B 45 -21.24 -1.83 21.28
C MET B 45 -20.49 -0.62 21.81
N SER B 46 -19.34 -0.85 22.43
CA SER B 46 -18.64 0.24 23.12
C SER B 46 -17.16 0.21 22.82
N LEU B 47 -16.64 1.32 22.31
CA LEU B 47 -15.20 1.47 22.15
C LEU B 47 -14.50 1.42 23.50
N ALA B 48 -15.11 2.02 24.53
CA ALA B 48 -14.56 1.95 25.88
C ALA B 48 -14.34 0.50 26.31
N ILE B 49 -15.34 -0.35 26.09
CA ILE B 49 -15.23 -1.76 26.46
C ILE B 49 -14.17 -2.46 25.63
N LEU B 50 -14.14 -2.16 24.32
CA LEU B 50 -13.19 -2.80 23.44
C LEU B 50 -11.76 -2.54 23.90
N ASN B 51 -11.49 -1.33 24.38
CA ASN B 51 -10.13 -0.87 24.65
C ASN B 51 -9.85 -0.70 26.13
N GLU B 52 -10.47 -1.53 26.98
CA GLU B 52 -10.18 -1.48 28.41
C GLU B 52 -9.18 -2.55 28.77
N MET B 65 -10.56 8.82 28.23
CA MET B 65 -11.42 7.88 27.53
C MET B 65 -12.70 7.56 28.31
N ALA B 66 -12.93 8.27 29.42
CA ALA B 66 -14.15 8.07 30.20
C ALA B 66 -15.35 8.81 29.63
N ARG B 67 -15.12 9.84 28.80
CA ARG B 67 -16.22 10.45 28.06
C ARG B 67 -16.82 9.47 27.08
N ALA B 68 -16.09 8.41 26.71
CA ALA B 68 -16.54 7.45 25.72
C ALA B 68 -17.76 6.65 26.16
N TRP B 69 -18.12 6.65 27.45
CA TRP B 69 -19.25 5.86 27.92
C TRP B 69 -20.59 6.55 27.72
N GLY B 70 -20.60 7.87 27.58
CA GLY B 70 -21.84 8.62 27.57
C GLY B 70 -22.82 8.23 26.49
N PRO B 71 -22.42 8.35 25.22
CA PRO B 71 -23.38 8.09 24.14
C PRO B 71 -23.90 6.65 24.09
N VAL B 72 -23.06 5.63 24.34
CA VAL B 72 -23.55 4.26 24.30
C VAL B 72 -24.45 3.94 25.49
N ARG B 73 -24.19 4.56 26.64
CA ARG B 73 -25.07 4.38 27.78
C ARG B 73 -26.47 4.93 27.49
N VAL B 74 -26.52 6.12 26.91
CA VAL B 74 -27.78 6.70 26.49
C VAL B 74 -28.47 5.84 25.45
N ALA B 75 -27.70 5.31 24.48
CA ALA B 75 -28.32 4.47 23.44
C ALA B 75 -28.92 3.20 24.03
N ILE B 76 -28.17 2.55 24.94
CA ILE B 76 -28.69 1.35 25.61
C ILE B 76 -29.94 1.69 26.40
N ALA B 77 -29.93 2.82 27.11
CA ALA B 77 -31.10 3.20 27.89
C ALA B 77 -32.32 3.41 27.00
N ALA B 78 -32.12 4.06 25.85
CA ALA B 78 -33.23 4.33 24.93
C ALA B 78 -33.81 3.02 24.39
N GLU B 79 -32.93 2.11 23.98
CA GLU B 79 -33.40 0.83 23.46
C GLU B 79 -34.16 0.03 24.52
N GLN B 80 -33.65 0.00 25.75
CA GLN B 80 -34.30 -0.76 26.81
C GLN B 80 -35.70 -0.23 27.09
N ALA B 81 -35.89 1.08 27.01
CA ALA B 81 -37.17 1.68 27.37
C ALA B 81 -38.13 1.83 26.20
N HIS B 82 -37.63 1.83 24.96
CA HIS B 82 -38.47 2.13 23.81
C HIS B 82 -38.31 1.17 22.65
N GLY B 83 -37.44 0.18 22.76
CA GLY B 83 -37.29 -0.82 21.70
C GLY B 83 -36.13 -0.49 20.77
N ALA B 84 -35.59 -1.54 20.15
CA ALA B 84 -34.47 -1.39 19.23
C ALA B 84 -34.79 -0.44 18.09
N LYS B 85 -36.07 -0.16 17.82
CA LYS B 85 -36.40 0.69 16.69
C LYS B 85 -35.89 2.12 16.87
N VAL B 86 -35.59 2.56 18.08
CA VAL B 86 -35.11 3.94 18.22
C VAL B 86 -33.63 4.08 17.95
N LEU B 87 -32.90 2.96 17.84
CA LEU B 87 -31.46 3.06 17.67
C LEU B 87 -31.10 3.71 16.33
N ASP B 88 -31.79 3.35 15.26
CA ASP B 88 -31.46 3.93 13.96
C ASP B 88 -31.61 5.45 13.95
N PRO B 89 -32.74 6.04 14.38
CA PRO B 89 -32.80 7.52 14.38
C PRO B 89 -31.88 8.17 15.41
N LEU B 90 -31.70 7.57 16.58
CA LEU B 90 -30.77 8.15 17.56
C LEU B 90 -29.32 8.09 17.05
N TYR B 91 -28.91 6.96 16.48
CA TYR B 91 -27.57 6.87 15.89
C TYR B 91 -27.36 7.94 14.82
N THR B 92 -28.34 8.11 13.94
CA THR B 92 -28.17 9.10 12.88
C THR B 92 -28.04 10.50 13.46
N ALA B 93 -28.87 10.84 14.45
CA ALA B 93 -28.78 12.16 15.05
C ALA B 93 -27.43 12.35 15.72
N MET B 94 -26.93 11.33 16.43
CA MET B 94 -25.65 11.46 17.11
C MET B 94 -24.49 11.56 16.13
N GLY B 95 -24.46 10.65 15.14
CA GLY B 95 -23.35 10.64 14.20
C GLY B 95 -23.29 11.86 13.31
N ASN B 96 -24.45 12.40 12.91
CA ASN B 96 -24.46 13.66 12.18
C ASN B 96 -23.72 14.74 12.96
N ARG B 97 -23.90 14.75 14.28
CA ARG B 97 -23.32 15.81 15.11
C ARG B 97 -21.85 15.54 15.43
N ILE B 98 -21.50 14.29 15.75
CA ILE B 98 -20.13 13.95 16.12
C ILE B 98 -19.20 14.02 14.92
N HIS B 99 -19.63 13.46 13.79
CA HIS B 99 -18.75 13.28 12.65
C HIS B 99 -18.94 14.37 11.59
N ASN B 100 -20.15 14.48 11.02
CA ASN B 100 -20.35 15.45 9.95
C ASN B 100 -20.13 16.87 10.44
N GLN B 101 -20.62 17.20 11.63
CA GLN B 101 -20.47 18.54 12.17
C GLN B 101 -19.33 18.65 13.17
N GLY B 102 -18.64 17.56 13.47
CA GLY B 102 -17.46 17.59 14.31
C GLY B 102 -17.66 18.11 15.72
N ASN B 103 -18.83 17.92 16.31
CA ASN B 103 -19.07 18.43 17.66
C ASN B 103 -18.48 17.46 18.67
N HIS B 104 -17.47 17.90 19.42
CA HIS B 104 -16.85 17.05 20.44
C HIS B 104 -17.45 17.23 21.82
N GLU B 105 -18.43 18.13 21.99
CA GLU B 105 -19.09 18.33 23.29
C GLU B 105 -20.22 17.33 23.41
N LEU B 106 -19.92 16.18 24.02
CA LEU B 106 -20.85 15.06 24.02
C LEU B 106 -22.10 15.33 24.84
N ASP B 107 -22.04 16.24 25.82
CA ASP B 107 -23.26 16.63 26.54
C ASP B 107 -24.27 17.23 25.58
N GLU B 108 -23.83 18.20 24.77
CA GLU B 108 -24.72 18.81 23.79
C GLU B 108 -25.23 17.78 22.78
N VAL B 109 -24.33 16.95 22.26
CA VAL B 109 -24.72 15.95 21.26
C VAL B 109 -25.85 15.09 21.82
N ILE B 110 -25.69 14.63 23.06
CA ILE B 110 -26.68 13.73 23.65
C ILE B 110 -28.03 14.42 23.77
N THR B 111 -28.04 15.65 24.32
CA THR B 111 -29.30 16.35 24.51
C THR B 111 -29.96 16.69 23.18
N GLN B 112 -29.17 17.18 22.22
CA GLN B 112 -29.74 17.50 20.91
C GLN B 112 -30.26 16.25 20.21
N SER B 113 -29.51 15.15 20.28
CA SER B 113 -29.88 13.95 19.53
C SER B 113 -31.15 13.33 20.07
N LEU B 114 -31.29 13.28 21.40
CA LEU B 114 -32.53 12.78 21.98
C LEU B 114 -33.71 13.62 21.48
N ALA B 115 -33.54 14.94 21.45
CA ALA B 115 -34.62 15.80 20.98
C ALA B 115 -34.88 15.58 19.50
N ASP B 116 -33.82 15.46 18.71
CA ASP B 116 -33.96 15.19 17.28
C ASP B 116 -34.69 13.87 17.05
N ALA B 117 -34.34 12.83 17.82
CA ALA B 117 -34.96 11.52 17.64
C ALA B 117 -36.35 11.45 18.26
N GLY B 118 -36.77 12.46 19.00
CA GLY B 118 -38.07 12.43 19.62
C GLY B 118 -38.16 11.56 20.85
N LEU B 119 -37.07 11.46 21.61
CA LEU B 119 -36.97 10.62 22.79
C LEU B 119 -36.97 11.46 24.06
N PRO B 120 -37.40 10.90 25.19
CA PRO B 120 -37.48 11.69 26.42
C PRO B 120 -36.12 12.23 26.83
N ALA B 121 -36.08 13.52 27.17
CA ALA B 121 -34.81 14.16 27.45
C ALA B 121 -34.15 13.58 28.69
N GLU B 122 -34.94 13.03 29.62
CA GLU B 122 -34.38 12.44 30.83
C GLU B 122 -33.52 11.21 30.54
N LEU B 123 -33.55 10.67 29.31
CA LEU B 123 -32.62 9.61 28.96
C LEU B 123 -31.17 10.09 29.05
N ALA B 124 -30.93 11.40 28.98
CA ALA B 124 -29.56 11.88 29.01
C ALA B 124 -28.89 11.58 30.35
N LYS B 125 -29.66 11.42 31.43
CA LYS B 125 -29.10 11.07 32.72
C LYS B 125 -28.39 9.73 32.71
N ALA B 126 -28.67 8.87 31.72
CA ALA B 126 -28.00 7.57 31.64
C ALA B 126 -26.50 7.71 31.44
N ALA B 127 -26.05 8.81 30.82
CA ALA B 127 -24.65 8.94 30.43
C ALA B 127 -23.71 8.90 31.62
N THR B 128 -24.17 9.36 32.78
CA THR B 128 -23.34 9.47 33.97
C THR B 128 -23.67 8.44 35.03
N SER B 129 -24.58 7.52 34.74
CA SER B 129 -24.88 6.39 35.61
C SER B 129 -24.15 5.15 35.10
N ASP B 130 -23.85 4.24 36.02
CA ASP B 130 -23.31 2.93 35.65
C ASP B 130 -24.38 1.85 35.64
N ALA B 131 -25.65 2.24 35.79
CA ALA B 131 -26.71 1.24 35.94
C ALA B 131 -26.96 0.49 34.64
N TYR B 132 -26.60 1.08 33.49
CA TYR B 132 -26.81 0.43 32.21
C TYR B 132 -25.57 -0.33 31.73
N ASP B 133 -24.49 -0.36 32.51
CA ASP B 133 -23.24 -0.95 32.03
C ASP B 133 -23.35 -2.45 31.85
N ASN B 134 -24.08 -3.13 32.74
CA ASN B 134 -24.29 -4.56 32.57
C ASN B 134 -24.97 -4.86 31.23
N ALA B 135 -26.03 -4.13 30.91
CA ALA B 135 -26.73 -4.32 29.64
C ALA B 135 -25.82 -3.97 28.47
N LEU B 136 -25.03 -2.89 28.61
CA LEU B 136 -24.13 -2.48 27.55
C LEU B 136 -23.09 -3.55 27.26
N ARG B 137 -22.48 -4.11 28.31
CA ARG B 137 -21.52 -5.18 28.12
C ARG B 137 -22.15 -6.41 27.46
N LYS B 138 -23.38 -6.75 27.85
CA LYS B 138 -24.03 -7.89 27.22
C LYS B 138 -24.27 -7.64 25.73
N SER B 139 -24.76 -6.45 25.39
CA SER B 139 -24.99 -6.11 23.99
C SER B 139 -23.68 -6.11 23.21
N HIS B 140 -22.65 -5.49 23.78
CA HIS B 140 -21.33 -5.47 23.15
C HIS B 140 -20.82 -6.88 22.92
N HIS B 141 -20.89 -7.74 23.93
CA HIS B 141 -20.39 -9.12 23.82
CA HIS B 141 -20.32 -9.07 23.73
C HIS B 141 -21.16 -9.91 22.78
N ALA B 142 -22.44 -9.61 22.59
CA ALA B 142 -23.26 -10.34 21.62
C ALA B 142 -22.76 -10.17 20.18
N GLY B 143 -22.02 -9.11 19.88
CA GLY B 143 -21.43 -8.97 18.57
C GLY B 143 -20.17 -9.82 18.37
N MET B 144 -20.08 -10.95 19.07
CA MET B 144 -18.88 -11.78 19.13
C MET B 144 -18.61 -12.52 17.82
N ASP B 145 -17.32 -12.72 17.51
CA ASP B 145 -16.94 -13.49 16.34
C ASP B 145 -17.12 -14.98 16.66
N ALA B 146 -16.63 -15.86 15.78
CA ALA B 146 -16.93 -17.28 15.89
C ALA B 146 -16.23 -17.93 17.09
N VAL B 147 -15.11 -17.38 17.54
CA VAL B 147 -14.32 -17.96 18.62
C VAL B 147 -14.42 -17.15 19.91
N GLY B 148 -15.35 -16.19 19.97
CA GLY B 148 -15.63 -15.46 21.19
C GLY B 148 -14.84 -14.20 21.45
N GLU B 149 -14.10 -13.67 20.47
CA GLU B 149 -13.38 -12.43 20.65
C GLU B 149 -14.22 -11.24 20.18
N ASP B 150 -13.94 -10.08 20.78
CA ASP B 150 -14.46 -8.83 20.23
C ASP B 150 -13.88 -8.61 18.83
N VAL B 151 -14.64 -7.92 17.98
CA VAL B 151 -14.19 -7.54 16.65
C VAL B 151 -13.91 -6.04 16.67
N GLY B 152 -12.77 -5.64 16.10
CA GLY B 152 -12.43 -4.24 16.02
C GLY B 152 -13.48 -3.46 15.25
N THR B 153 -13.33 -2.14 15.28
CA THR B 153 -14.35 -1.53 14.46
C THR B 153 -13.76 -1.03 13.14
N PRO B 154 -14.54 -0.96 12.05
CA PRO B 154 -15.95 -1.35 11.97
C PRO B 154 -16.14 -2.84 11.78
N THR B 155 -17.31 -3.32 12.17
CA THR B 155 -17.64 -4.73 12.06
C THR B 155 -19.07 -4.86 11.57
N ILE B 156 -19.41 -5.99 10.97
CA ILE B 156 -20.77 -6.23 10.50
C ILE B 156 -21.03 -7.72 10.51
N HIS B 157 -22.27 -8.10 10.81
CA HIS B 157 -22.72 -9.47 10.63
C HIS B 157 -23.60 -9.54 9.39
N VAL B 158 -23.24 -10.41 8.46
CA VAL B 158 -24.01 -10.63 7.24
C VAL B 158 -24.58 -12.04 7.33
N ASN B 159 -25.91 -12.15 7.42
CA ASN B 159 -26.58 -13.44 7.54
C ASN B 159 -25.93 -14.28 8.64
N GLY B 160 -25.67 -13.63 9.77
CA GLY B 160 -25.10 -14.31 10.91
C GLY B 160 -23.59 -14.51 10.89
N VAL B 161 -22.92 -14.13 9.80
CA VAL B 161 -21.47 -14.29 9.69
C VAL B 161 -20.81 -12.98 10.09
N ALA B 162 -19.93 -13.01 11.08
CA ALA B 162 -19.31 -11.78 11.58
C ALA B 162 -18.06 -11.48 10.76
N PHE B 163 -17.95 -10.22 10.32
CA PHE B 163 -16.77 -9.73 9.61
C PHE B 163 -16.18 -8.53 10.32
N PHE B 164 -14.87 -8.42 10.29
CA PHE B 164 -14.24 -7.13 10.45
C PHE B 164 -14.30 -6.41 9.11
N GLY B 165 -14.72 -5.15 9.14
CA GLY B 165 -14.97 -4.44 7.90
C GLY B 165 -16.41 -4.60 7.45
N PRO B 166 -16.72 -4.26 6.19
CA PRO B 166 -15.75 -3.72 5.23
C PRO B 166 -15.28 -2.35 5.69
N VAL B 167 -13.96 -2.18 5.71
CA VAL B 167 -13.37 -0.89 6.04
C VAL B 167 -13.50 0.02 4.82
N LEU B 168 -14.26 1.10 4.98
CA LEU B 168 -14.59 2.03 3.91
C LEU B 168 -14.19 3.44 4.34
N SER B 169 -13.48 4.16 3.48
CA SER B 169 -13.14 5.55 3.79
C SER B 169 -14.17 6.53 3.25
N LYS B 170 -15.15 6.05 2.49
CA LYS B 170 -16.15 6.91 1.87
C LYS B 170 -17.41 6.08 1.72
N ILE B 171 -18.56 6.75 1.78
CA ILE B 171 -19.84 6.04 1.73
C ILE B 171 -20.19 5.69 0.28
N PRO B 172 -20.29 4.41 -0.06
CA PRO B 172 -20.78 4.05 -1.39
C PRO B 172 -22.27 4.30 -1.48
N ARG B 173 -22.72 4.74 -2.65
CA ARG B 173 -24.11 5.17 -2.86
C ARG B 173 -24.77 4.35 -3.97
N GLY B 174 -26.08 4.17 -3.83
CA GLY B 174 -26.87 3.66 -4.95
C GLY B 174 -26.51 2.23 -5.32
N GLU B 175 -26.44 1.99 -6.64
CA GLU B 175 -26.20 0.64 -7.12
C GLU B 175 -24.78 0.16 -6.79
N GLU B 176 -23.81 1.09 -6.67
CA GLU B 176 -22.49 0.68 -6.21
C GLU B 176 -22.56 0.15 -4.79
N ALA B 177 -23.35 0.80 -3.93
CA ALA B 177 -23.58 0.26 -2.59
C ALA B 177 -24.19 -1.14 -2.67
N GLY B 178 -25.17 -1.33 -3.56
CA GLY B 178 -25.80 -2.63 -3.66
C GLY B 178 -24.87 -3.72 -4.18
N LYS B 179 -24.01 -3.38 -5.13
CA LYS B 179 -23.06 -4.38 -5.64
C LYS B 179 -22.09 -4.83 -4.55
N LEU B 180 -21.60 -3.90 -3.73
CA LEU B 180 -20.78 -4.30 -2.59
C LEU B 180 -21.56 -5.20 -1.64
N TRP B 181 -22.86 -4.94 -1.49
CA TRP B 181 -23.66 -5.83 -0.64
C TRP B 181 -23.78 -7.23 -1.24
N ASP B 182 -24.05 -7.33 -2.55
CA ASP B 182 -24.11 -8.63 -3.20
C ASP B 182 -22.82 -9.39 -3.00
N ALA B 183 -21.68 -8.70 -3.15
CA ALA B 183 -20.40 -9.35 -2.96
C ALA B 183 -20.21 -9.78 -1.50
N SER B 184 -20.64 -8.95 -0.54
CA SER B 184 -20.56 -9.34 0.86
C SER B 184 -21.39 -10.60 1.14
N VAL B 185 -22.59 -10.68 0.56
CA VAL B 185 -23.42 -11.87 0.76
C VAL B 185 -22.75 -13.09 0.12
N THR B 186 -22.14 -12.91 -1.06
CA THR B 186 -21.37 -14.00 -1.65
C THR B 186 -20.25 -14.49 -0.71
N PHE B 187 -19.51 -13.57 -0.11
CA PHE B 187 -18.44 -13.99 0.80
C PHE B 187 -19.00 -14.64 2.06
N ALA B 188 -20.08 -14.06 2.60
CA ALA B 188 -20.70 -14.64 3.80
C ALA B 188 -21.26 -16.02 3.55
N SER B 189 -21.70 -16.31 2.33
CA SER B 189 -22.27 -17.62 2.06
C SER B 189 -21.23 -18.70 1.78
N TYR B 190 -19.95 -18.33 1.57
CA TYR B 190 -18.94 -19.34 1.33
C TYR B 190 -18.12 -19.54 2.61
N PRO B 191 -18.26 -20.67 3.30
CA PRO B 191 -17.69 -20.79 4.66
C PRO B 191 -16.18 -20.88 4.69
N HIS B 192 -15.50 -20.99 3.55
CA HIS B 192 -14.04 -21.09 3.57
C HIS B 192 -13.36 -19.83 3.06
N PHE B 193 -14.07 -18.70 3.03
CA PHE B 193 -13.48 -17.41 2.71
C PHE B 193 -13.17 -16.65 3.99
N PHE B 194 -11.98 -16.02 4.06
CA PHE B 194 -11.61 -15.34 5.30
C PHE B 194 -11.07 -13.93 5.17
N GLU B 195 -10.57 -13.50 4.00
CA GLU B 195 -9.97 -12.17 3.96
C GLU B 195 -9.82 -11.67 2.53
N LEU B 196 -10.00 -10.37 2.36
CA LEU B 196 -9.71 -9.68 1.11
C LEU B 196 -9.28 -8.26 1.45
N LYS B 197 -8.22 -7.80 0.80
CA LYS B 197 -7.79 -6.40 0.98
C LYS B 197 -7.46 -5.79 -0.37
N ARG B 198 -7.78 -4.51 -0.54
CA ARG B 198 -7.28 -3.78 -1.70
CA ARG B 198 -7.28 -3.81 -1.71
C ARG B 198 -5.79 -3.53 -1.52
N THR B 199 -5.05 -3.53 -2.64
CA THR B 199 -3.63 -3.26 -2.55
C THR B 199 -3.20 -2.39 -3.73
N ARG B 200 -2.05 -1.75 -3.57
CA ARG B 200 -1.49 -0.84 -4.57
C ARG B 200 -0.27 -1.55 -5.16
N THR B 201 -0.52 -2.47 -6.08
CA THR B 201 0.51 -3.31 -6.69
C THR B 201 0.22 -3.41 -8.18
N GLU B 202 1.22 -3.19 -9.02
CA GLU B 202 0.98 -3.20 -10.46
C GLU B 202 2.12 -3.87 -11.20
N PRO B 203 1.81 -4.51 -12.33
CA PRO B 203 2.85 -5.02 -13.20
C PRO B 203 3.27 -3.93 -14.19
N PRO B 204 4.35 -4.13 -14.94
CA PRO B 204 4.69 -3.17 -15.98
C PRO B 204 3.69 -3.27 -17.14
N GLN B 205 3.13 -2.14 -17.55
CA GLN B 205 2.13 -2.10 -18.61
C GLN B 205 2.67 -1.28 -19.76
N PHE B 206 2.80 -1.92 -20.92
CA PHE B 206 3.48 -1.31 -22.07
C PHE B 206 2.54 -0.68 -23.09
N ASP B 207 1.23 -0.69 -22.89
CA ASP B 207 0.35 -0.10 -23.91
C ASP B 207 -0.49 1.03 -23.35
N GLN C 7 19.91 26.58 -21.83
CA GLN C 7 18.69 26.85 -21.08
C GLN C 7 17.59 25.84 -21.42
N LYS C 8 17.92 24.92 -22.31
CA LYS C 8 17.05 23.79 -22.60
C LYS C 8 17.24 22.74 -21.51
N SER C 9 16.13 22.26 -20.93
CA SER C 9 16.22 21.19 -19.96
C SER C 9 16.74 19.91 -20.62
N VAL C 10 17.43 19.09 -19.83
CA VAL C 10 18.17 17.93 -20.33
C VAL C 10 17.77 16.69 -19.54
N ALA C 11 17.40 15.63 -20.25
CA ALA C 11 17.24 14.30 -19.70
C ALA C 11 18.38 13.40 -20.17
N ASP C 12 19.16 12.87 -19.25
CA ASP C 12 20.14 11.84 -19.54
C ASP C 12 19.65 10.54 -18.94
N PHE C 13 19.65 9.48 -19.73
CA PHE C 13 19.02 8.23 -19.33
C PHE C 13 19.92 7.04 -19.66
N TRP C 14 20.32 6.29 -18.63
CA TRP C 14 21.11 5.08 -18.83
C TRP C 14 20.16 3.88 -18.83
N PHE C 15 20.30 3.02 -19.84
CA PHE C 15 19.36 1.91 -20.01
C PHE C 15 20.10 0.62 -20.26
N ASP C 16 19.49 -0.47 -19.80
CA ASP C 16 19.72 -1.82 -20.27
C ASP C 16 18.42 -2.30 -20.90
N PRO C 17 18.44 -2.76 -22.16
CA PRO C 17 17.17 -3.09 -22.83
C PRO C 17 16.35 -4.15 -22.12
N LEU C 18 16.96 -4.92 -21.22
CA LEU C 18 16.21 -5.97 -20.53
C LEU C 18 15.33 -5.44 -19.41
N CYS C 19 15.46 -4.20 -18.98
CA CYS C 19 14.68 -3.76 -17.81
C CYS C 19 13.33 -3.22 -18.25
N PRO C 20 12.21 -3.82 -17.80
CA PRO C 20 10.90 -3.31 -18.23
C PRO C 20 10.57 -1.96 -17.63
N TRP C 21 11.06 -1.66 -16.43
CA TRP C 21 10.74 -0.38 -15.81
C TRP C 21 11.51 0.74 -16.49
N SER C 22 12.78 0.49 -16.84
CA SER C 22 13.54 1.45 -17.63
C SER C 22 12.90 1.67 -19.00
N TRP C 23 12.41 0.60 -19.61
CA TRP C 23 11.66 0.71 -20.86
C TRP C 23 10.53 1.72 -20.72
N ILE C 24 9.74 1.58 -19.65
CA ILE C 24 8.58 2.44 -19.47
C ILE C 24 9.02 3.88 -19.24
N THR C 25 9.98 4.07 -18.33
CA THR C 25 10.44 5.43 -18.03
C THR C 25 11.13 6.08 -19.24
N SER C 26 11.78 5.29 -20.10
CA SER C 26 12.37 5.88 -21.29
C SER C 26 11.30 6.27 -22.31
N ARG C 27 10.26 5.44 -22.47
CA ARG C 27 9.17 5.87 -23.34
C ARG C 27 8.48 7.09 -22.77
N TRP C 28 8.41 7.24 -21.44
CA TRP C 28 7.86 8.47 -20.88
C TRP C 28 8.66 9.69 -21.33
N ILE C 29 10.00 9.59 -21.30
CA ILE C 29 10.84 10.72 -21.73
C ILE C 29 10.61 11.06 -23.19
N LEU C 30 10.42 10.05 -24.04
CA LEU C 30 10.17 10.33 -25.45
C LEU C 30 8.81 10.99 -25.65
N GLU C 31 7.83 10.62 -24.81
CA GLU C 31 6.55 11.33 -24.81
C GLU C 31 6.74 12.77 -24.35
N VAL C 32 7.56 13.00 -23.31
CA VAL C 32 7.84 14.36 -22.87
C VAL C 32 8.38 15.18 -24.02
N ALA C 33 9.36 14.62 -24.75
CA ALA C 33 10.02 15.36 -25.82
C ALA C 33 9.06 15.77 -26.93
N LYS C 34 7.87 15.19 -26.99
CA LYS C 34 6.87 15.60 -27.98
C LYS C 34 6.12 16.85 -27.53
N VAL C 35 6.02 17.10 -26.23
CA VAL C 35 5.23 18.23 -25.75
C VAL C 35 6.05 19.26 -24.99
N ARG C 36 7.36 19.04 -24.86
CA ARG C 36 8.26 19.97 -24.18
C ARG C 36 9.55 20.01 -24.97
N ASP C 37 10.23 21.16 -24.94
CA ASP C 37 11.47 21.33 -25.68
C ASP C 37 12.64 20.91 -24.79
N ILE C 38 13.12 19.66 -24.95
CA ILE C 38 14.18 19.14 -24.10
C ILE C 38 15.18 18.36 -24.95
N GLU C 39 16.40 18.28 -24.43
CA GLU C 39 17.44 17.39 -24.96
C GLU C 39 17.32 16.04 -24.26
N VAL C 40 17.41 14.96 -25.05
CA VAL C 40 17.34 13.60 -24.56
C VAL C 40 18.62 12.89 -24.98
N ASN C 41 19.40 12.43 -24.00
CA ASN C 41 20.63 11.67 -24.26
C ASN C 41 20.54 10.28 -23.60
N PHE C 42 20.70 9.24 -24.40
CA PHE C 42 20.71 7.86 -23.92
C PHE C 42 22.13 7.33 -23.81
N HIS C 43 22.35 6.49 -22.81
CA HIS C 43 23.66 5.88 -22.55
C HIS C 43 23.40 4.45 -22.11
N VAL C 44 24.40 3.57 -22.30
CA VAL C 44 24.24 2.15 -21.97
C VAL C 44 24.69 1.90 -20.54
N MET C 45 23.88 1.18 -19.76
CA MET C 45 24.29 0.56 -18.51
C MET C 45 23.97 -0.92 -18.56
N SER C 46 24.32 -1.66 -17.50
CA SER C 46 24.23 -3.11 -17.56
C SER C 46 23.63 -3.65 -16.27
N LEU C 47 22.51 -4.37 -16.39
CA LEU C 47 21.96 -5.06 -15.24
C LEU C 47 22.91 -6.15 -14.74
N ALA C 48 23.61 -6.81 -15.66
CA ALA C 48 24.59 -7.83 -15.26
C ALA C 48 25.68 -7.23 -14.40
N ILE C 49 26.22 -6.06 -14.80
CA ILE C 49 27.22 -5.40 -13.97
C ILE C 49 26.61 -4.96 -12.65
N LEU C 50 25.36 -4.49 -12.68
CA LEU C 50 24.71 -3.96 -11.49
C LEU C 50 24.63 -5.00 -10.38
N ASN C 51 24.53 -6.29 -10.74
CA ASN C 51 24.33 -7.37 -9.78
C ASN C 51 25.48 -8.38 -9.82
N GLU C 52 26.71 -7.93 -10.03
CA GLU C 52 27.80 -8.87 -10.22
C GLU C 52 28.58 -9.20 -8.95
N ASN C 53 28.65 -8.27 -7.99
CA ASN C 53 29.30 -8.61 -6.72
C ASN C 53 28.60 -9.74 -5.98
N ARG C 54 27.41 -10.14 -6.42
CA ARG C 54 26.64 -11.21 -5.82
C ARG C 54 26.93 -12.55 -6.53
N ASP C 55 26.35 -13.63 -6.01
CA ASP C 55 26.55 -14.96 -6.56
C ASP C 55 25.55 -15.24 -7.69
N ASP C 56 26.05 -15.87 -8.75
CA ASP C 56 25.19 -16.33 -9.84
C ASP C 56 25.58 -17.73 -10.32
N MET C 65 24.43 -16.00 -16.11
CA MET C 65 23.77 -15.00 -16.95
C MET C 65 24.68 -14.39 -18.02
N ALA C 66 25.35 -15.22 -18.82
CA ALA C 66 25.94 -14.72 -20.06
C ALA C 66 24.88 -14.08 -20.94
N ARG C 67 23.62 -14.47 -20.74
CA ARG C 67 22.50 -13.98 -21.54
C ARG C 67 22.39 -12.46 -21.47
N ALA C 68 22.49 -11.90 -20.27
CA ALA C 68 22.21 -10.48 -20.06
C ALA C 68 23.27 -9.56 -20.64
N TRP C 69 24.46 -10.09 -20.98
CA TRP C 69 25.53 -9.28 -21.55
C TRP C 69 25.33 -9.02 -23.04
N GLY C 70 24.57 -9.86 -23.72
CA GLY C 70 24.42 -9.79 -25.15
C GLY C 70 23.90 -8.45 -25.64
N PRO C 71 22.70 -8.06 -25.22
CA PRO C 71 22.12 -6.81 -25.78
C PRO C 71 22.98 -5.57 -25.55
N VAL C 72 23.50 -5.38 -24.33
CA VAL C 72 24.27 -4.17 -24.04
C VAL C 72 25.63 -4.20 -24.73
N ARG C 73 26.23 -5.38 -24.89
CA ARG C 73 27.49 -5.45 -25.65
C ARG C 73 27.28 -4.98 -27.07
N VAL C 74 26.19 -5.45 -27.70
CA VAL C 74 25.87 -5.02 -29.06
C VAL C 74 25.61 -3.51 -29.10
N ALA C 75 24.95 -2.98 -28.06
CA ALA C 75 24.68 -1.54 -28.01
C ALA C 75 25.98 -0.74 -27.93
N ILE C 76 26.92 -1.18 -27.08
CA ILE C 76 28.22 -0.50 -27.01
C ILE C 76 28.94 -0.58 -28.33
N ALA C 77 28.97 -1.78 -28.94
CA ALA C 77 29.65 -1.93 -30.22
C ALA C 77 29.02 -1.05 -31.28
N ALA C 78 27.69 -0.96 -31.29
CA ALA C 78 26.99 -0.15 -32.27
C ALA C 78 27.33 1.32 -32.09
N GLU C 79 27.33 1.78 -30.83
CA GLU C 79 27.71 3.17 -30.54
C GLU C 79 29.14 3.44 -30.96
N GLN C 80 30.06 2.50 -30.70
CA GLN C 80 31.46 2.71 -31.04
C GLN C 80 31.63 2.91 -32.54
N ALA C 81 30.94 2.11 -33.35
CA ALA C 81 31.10 2.18 -34.79
C ALA C 81 30.31 3.31 -35.43
N HIS C 82 29.16 3.69 -34.86
CA HIS C 82 28.19 4.52 -35.57
C HIS C 82 27.70 5.71 -34.78
N GLY C 83 28.16 5.91 -33.56
CA GLY C 83 27.82 7.11 -32.82
C GLY C 83 26.79 6.82 -31.76
N ALA C 84 26.84 7.60 -30.69
CA ALA C 84 25.82 7.51 -29.65
C ALA C 84 24.42 7.72 -30.21
N LYS C 85 24.30 8.36 -31.40
CA LYS C 85 22.99 8.64 -31.96
C LYS C 85 22.24 7.36 -32.35
N VAL C 86 22.92 6.23 -32.55
CA VAL C 86 22.17 5.03 -32.87
C VAL C 86 21.58 4.33 -31.66
N LEU C 87 21.93 4.75 -30.43
CA LEU C 87 21.35 4.11 -29.26
C LEU C 87 19.83 4.28 -29.22
N ASP C 88 19.33 5.47 -29.56
CA ASP C 88 17.87 5.67 -29.51
C ASP C 88 17.13 4.71 -30.43
N PRO C 89 17.40 4.65 -31.75
CA PRO C 89 16.69 3.66 -32.58
C PRO C 89 16.97 2.21 -32.21
N LEU C 90 18.19 1.87 -31.80
CA LEU C 90 18.47 0.48 -31.45
C LEU C 90 17.74 0.06 -30.17
N TYR C 91 17.76 0.92 -29.15
CA TYR C 91 17.01 0.65 -27.93
C TYR C 91 15.54 0.42 -28.24
N THR C 92 14.93 1.33 -28.99
CA THR C 92 13.52 1.18 -29.34
C THR C 92 13.25 -0.14 -30.06
N ALA C 93 14.13 -0.53 -30.99
CA ALA C 93 13.94 -1.78 -31.69
C ALA C 93 14.04 -2.96 -30.73
N MET C 94 15.03 -2.95 -29.83
CA MET C 94 15.20 -4.04 -28.88
C MET C 94 14.05 -4.12 -27.89
N GLY C 95 13.66 -2.99 -27.32
CA GLY C 95 12.64 -3.01 -26.29
C GLY C 95 11.27 -3.37 -26.82
N ASN C 96 10.96 -2.98 -28.05
CA ASN C 96 9.71 -3.40 -28.67
C ASN C 96 9.64 -4.91 -28.73
N ARG C 97 10.78 -5.56 -28.96
CA ARG C 97 10.78 -7.00 -29.09
C ARG C 97 10.88 -7.71 -27.74
N ILE C 98 11.67 -7.18 -26.81
CA ILE C 98 11.82 -7.83 -25.52
C ILE C 98 10.56 -7.64 -24.68
N HIS C 99 10.02 -6.43 -24.64
CA HIS C 99 8.91 -6.13 -23.74
C HIS C 99 7.54 -6.25 -24.41
N ASN C 100 7.21 -5.36 -25.35
CA ASN C 100 5.89 -5.39 -25.97
C ASN C 100 5.58 -6.75 -26.59
N GLN C 101 6.56 -7.38 -27.21
CA GLN C 101 6.33 -8.67 -27.88
C GLN C 101 6.77 -9.85 -27.04
N GLY C 102 7.45 -9.63 -25.92
CA GLY C 102 7.81 -10.70 -25.02
C GLY C 102 8.76 -11.74 -25.57
N ASN C 103 9.64 -11.37 -26.51
CA ASN C 103 10.60 -12.33 -27.06
C ASN C 103 11.78 -12.47 -26.12
N HIS C 104 11.97 -13.68 -25.60
CA HIS C 104 13.08 -13.97 -24.68
C HIS C 104 14.28 -14.62 -25.35
N GLU C 105 14.22 -14.87 -26.67
CA GLU C 105 15.37 -15.38 -27.42
C GLU C 105 16.17 -14.17 -27.91
N LEU C 106 17.19 -13.81 -27.14
CA LEU C 106 17.87 -12.54 -27.37
C LEU C 106 18.72 -12.56 -28.65
N ASP C 107 19.21 -13.73 -29.07
CA ASP C 107 19.91 -13.76 -30.36
C ASP C 107 18.99 -13.31 -31.49
N GLU C 108 17.73 -13.72 -31.43
CA GLU C 108 16.75 -13.31 -32.44
C GLU C 108 16.41 -11.83 -32.32
N VAL C 109 16.24 -11.35 -31.08
CA VAL C 109 15.98 -9.93 -30.83
C VAL C 109 17.11 -9.08 -31.40
N ILE C 110 18.36 -9.48 -31.12
CA ILE C 110 19.52 -8.70 -31.55
C ILE C 110 19.60 -8.62 -33.07
N THR C 111 19.43 -9.77 -33.74
CA THR C 111 19.50 -9.81 -35.19
C THR C 111 18.40 -8.97 -35.82
N GLN C 112 17.17 -9.11 -35.33
CA GLN C 112 16.08 -8.32 -35.86
C GLN C 112 16.27 -6.85 -35.57
N SER C 113 16.77 -6.52 -34.37
CA SER C 113 16.83 -5.11 -33.98
C SER C 113 17.90 -4.37 -34.77
N LEU C 114 19.02 -5.02 -35.04
CA LEU C 114 20.04 -4.40 -35.88
C LEU C 114 19.50 -4.07 -37.26
N ALA C 115 18.77 -5.02 -37.86
CA ALA C 115 18.19 -4.76 -39.18
C ALA C 115 17.16 -3.63 -39.09
N ASP C 116 16.37 -3.63 -38.02
CA ASP C 116 15.39 -2.56 -37.82
C ASP C 116 16.06 -1.19 -37.77
N ALA C 117 17.15 -1.07 -37.03
CA ALA C 117 17.88 0.19 -36.95
C ALA C 117 18.83 0.42 -38.12
N GLY C 118 18.78 -0.42 -39.16
CA GLY C 118 19.65 -0.20 -40.31
C GLY C 118 21.12 -0.28 -39.98
N LEU C 119 21.50 -1.16 -39.08
CA LEU C 119 22.89 -1.31 -38.67
C LEU C 119 23.48 -2.59 -39.24
N PRO C 120 24.80 -2.65 -39.45
CA PRO C 120 25.41 -3.87 -40.00
C PRO C 120 25.11 -5.10 -39.15
N ALA C 121 24.72 -6.19 -39.84
CA ALA C 121 24.38 -7.42 -39.15
C ALA C 121 25.56 -7.97 -38.35
N GLU C 122 26.79 -7.70 -38.82
CA GLU C 122 27.99 -8.21 -38.15
C GLU C 122 28.10 -7.74 -36.71
N LEU C 123 27.37 -6.67 -36.33
CA LEU C 123 27.42 -6.22 -34.95
C LEU C 123 26.90 -7.27 -33.98
N ALA C 124 26.07 -8.21 -34.46
CA ALA C 124 25.56 -9.25 -33.58
C ALA C 124 26.69 -10.05 -32.94
N LYS C 125 27.80 -10.21 -33.65
CA LYS C 125 28.94 -10.96 -33.12
C LYS C 125 29.45 -10.40 -31.80
N ALA C 126 29.21 -9.11 -31.54
CA ALA C 126 29.66 -8.47 -30.31
C ALA C 126 29.06 -9.13 -29.06
N ALA C 127 27.91 -9.79 -29.19
CA ALA C 127 27.22 -10.32 -28.02
C ALA C 127 28.03 -11.41 -27.33
N THR C 128 28.83 -12.17 -28.07
CA THR C 128 29.59 -13.28 -27.54
C THR C 128 31.10 -13.00 -27.52
N SER C 129 31.46 -11.72 -27.49
CA SER C 129 32.84 -11.28 -27.34
C SER C 129 32.93 -10.42 -26.09
N ASP C 130 34.12 -10.40 -25.47
CA ASP C 130 34.37 -9.54 -24.32
C ASP C 130 35.17 -8.30 -24.69
N ALA C 131 35.38 -8.05 -25.98
CA ALA C 131 36.18 -6.92 -26.40
C ALA C 131 35.57 -5.58 -26.01
N TYR C 132 34.25 -5.53 -25.77
CA TYR C 132 33.59 -4.27 -25.44
C TYR C 132 33.29 -4.12 -23.96
N ASP C 133 33.75 -5.06 -23.13
CA ASP C 133 33.31 -5.06 -21.74
C ASP C 133 33.88 -3.89 -20.95
N ASN C 134 35.13 -3.50 -21.22
CA ASN C 134 35.69 -2.35 -20.50
C ASN C 134 34.96 -1.07 -20.88
N ALA C 135 34.68 -0.89 -22.17
CA ALA C 135 33.86 0.23 -22.60
C ALA C 135 32.48 0.19 -21.95
N LEU C 136 31.89 -1.00 -21.82
CA LEU C 136 30.57 -1.09 -21.20
C LEU C 136 30.63 -0.68 -19.74
N ARG C 137 31.63 -1.18 -19.00
CA ARG C 137 31.79 -0.81 -17.60
C ARG C 137 31.99 0.70 -17.45
N LYS C 138 32.76 1.32 -18.35
CA LYS C 138 32.96 2.76 -18.29
C LYS C 138 31.63 3.50 -18.46
N SER C 139 30.86 3.13 -19.48
CA SER C 139 29.56 3.76 -19.70
C SER C 139 28.64 3.52 -18.51
N HIS C 140 28.62 2.30 -18.00
CA HIS C 140 27.77 1.96 -16.86
C HIS C 140 28.10 2.81 -15.64
N HIS C 141 29.38 2.88 -15.28
CA HIS C 141 29.71 3.60 -14.06
C HIS C 141 29.55 5.10 -14.25
N ALA C 142 29.69 5.60 -15.48
CA ALA C 142 29.41 7.00 -15.73
C ALA C 142 27.98 7.37 -15.32
N GLY C 143 27.06 6.41 -15.37
CA GLY C 143 25.71 6.69 -14.96
C GLY C 143 25.46 6.37 -13.51
N MET C 144 25.89 5.19 -13.07
CA MET C 144 25.51 4.72 -11.75
C MET C 144 26.39 5.28 -10.64
N ASP C 145 27.57 5.84 -10.95
CA ASP C 145 28.35 6.46 -9.89
C ASP C 145 27.63 7.67 -9.28
N ALA C 146 26.75 8.31 -10.06
CA ALA C 146 26.06 9.50 -9.56
C ALA C 146 25.05 9.15 -8.46
N VAL C 147 24.38 8.01 -8.58
CA VAL C 147 23.52 7.54 -7.51
C VAL C 147 24.33 6.66 -6.57
N GLY C 148 23.85 6.50 -5.36
CA GLY C 148 24.59 5.73 -4.37
C GLY C 148 24.73 4.28 -4.78
N GLU C 149 25.56 3.57 -4.02
CA GLU C 149 25.52 2.12 -4.08
C GLU C 149 24.14 1.65 -3.63
N ASP C 150 23.79 0.44 -4.04
CA ASP C 150 22.49 -0.16 -3.73
C ASP C 150 21.33 0.57 -4.40
N VAL C 151 21.57 1.29 -5.47
CA VAL C 151 20.49 1.89 -6.24
C VAL C 151 20.30 1.08 -7.52
N GLY C 152 19.04 0.81 -7.86
CA GLY C 152 18.73 0.00 -9.00
C GLY C 152 18.24 0.82 -10.16
N THR C 153 17.32 0.23 -10.93
CA THR C 153 16.74 0.83 -12.13
C THR C 153 15.24 0.99 -11.91
N PRO C 154 14.59 1.98 -12.54
CA PRO C 154 15.21 2.97 -13.44
C PRO C 154 15.85 4.12 -12.68
N THR C 155 16.79 4.79 -13.32
CA THR C 155 17.31 6.06 -12.86
C THR C 155 17.21 7.04 -14.01
N ILE C 156 17.27 8.33 -13.67
CA ILE C 156 17.20 9.39 -14.65
C ILE C 156 18.03 10.55 -14.13
N HIS C 157 18.64 11.29 -15.04
CA HIS C 157 19.32 12.54 -14.71
C HIS C 157 18.54 13.69 -15.32
N VAL C 158 18.07 14.58 -14.46
CA VAL C 158 17.25 15.72 -14.88
C VAL C 158 18.09 16.96 -14.63
N ASN C 159 18.50 17.64 -15.72
CA ASN C 159 19.35 18.82 -15.64
C ASN C 159 20.55 18.54 -14.75
N GLY C 160 21.16 17.38 -14.95
CA GLY C 160 22.34 16.99 -14.18
C GLY C 160 22.08 16.37 -12.82
N VAL C 161 20.83 16.23 -12.39
CA VAL C 161 20.53 15.73 -11.05
C VAL C 161 20.04 14.29 -11.18
N ALA C 162 20.71 13.37 -10.49
CA ALA C 162 20.42 11.94 -10.61
C ALA C 162 19.32 11.52 -9.63
N PHE C 163 18.30 10.84 -10.14
CA PHE C 163 17.24 10.25 -9.32
C PHE C 163 17.12 8.75 -9.57
N PHE C 164 16.73 8.03 -8.52
CA PHE C 164 16.08 6.73 -8.69
C PHE C 164 14.63 7.01 -9.06
N GLY C 165 14.15 6.38 -10.13
CA GLY C 165 12.83 6.63 -10.65
C GLY C 165 12.86 7.76 -11.67
N PRO C 166 11.70 8.34 -12.02
CA PRO C 166 10.37 7.98 -11.51
C PRO C 166 10.00 6.55 -11.86
N VAL C 167 9.55 5.83 -10.85
CA VAL C 167 9.11 4.45 -11.04
C VAL C 167 7.68 4.52 -11.56
N LEU C 168 7.51 4.15 -12.83
CA LEU C 168 6.21 4.21 -13.49
C LEU C 168 5.83 2.82 -13.97
N SER C 169 4.57 2.42 -13.73
CA SER C 169 4.07 1.14 -14.20
C SER C 169 3.35 1.24 -15.54
N LYS C 170 3.17 2.45 -16.06
CA LYS C 170 2.50 2.69 -17.32
C LYS C 170 3.06 3.97 -17.91
N ILE C 171 3.08 4.06 -19.24
CA ILE C 171 3.68 5.21 -19.93
C ILE C 171 2.71 6.38 -19.92
N PRO C 172 3.04 7.52 -19.31
CA PRO C 172 2.18 8.71 -19.44
C PRO C 172 2.41 9.36 -20.80
N ARG C 173 1.34 9.88 -21.38
CA ARG C 173 1.40 10.44 -22.72
C ARG C 173 0.86 11.86 -22.74
N GLY C 174 1.22 12.58 -23.79
CA GLY C 174 0.64 13.89 -24.02
C GLY C 174 0.99 14.88 -22.93
N GLU C 175 0.04 15.75 -22.64
CA GLU C 175 0.28 16.80 -21.66
C GLU C 175 0.51 16.23 -20.27
N GLU C 176 -0.09 15.07 -19.97
CA GLU C 176 0.17 14.43 -18.68
C GLU C 176 1.64 14.11 -18.52
N ALA C 177 2.26 13.57 -19.58
CA ALA C 177 3.70 13.35 -19.54
C ALA C 177 4.44 14.68 -19.32
N GLY C 178 3.99 15.74 -19.99
CA GLY C 178 4.66 17.03 -19.84
C GLY C 178 4.57 17.59 -18.43
N LYS C 179 3.39 17.47 -17.81
CA LYS C 179 3.23 17.94 -16.43
C LYS C 179 4.12 17.17 -15.48
N LEU C 180 4.23 15.86 -15.67
CA LEU C 180 5.16 15.09 -14.83
C LEU C 180 6.60 15.54 -15.04
N TRP C 181 6.97 15.90 -16.29
CA TRP C 181 8.30 16.45 -16.51
C TRP C 181 8.48 17.79 -15.81
N ASP C 182 7.49 18.68 -15.90
CA ASP C 182 7.59 19.97 -15.22
C ASP C 182 7.82 19.75 -13.73
N ALA C 183 7.13 18.77 -13.15
CA ALA C 183 7.28 18.45 -11.74
C ALA C 183 8.69 17.94 -11.45
N SER C 184 9.23 17.10 -12.34
CA SER C 184 10.58 16.59 -12.16
C SER C 184 11.60 17.73 -12.16
N VAL C 185 11.45 18.70 -13.07
CA VAL C 185 12.39 19.82 -13.11
C VAL C 185 12.29 20.63 -11.83
N THR C 186 11.07 20.84 -11.33
CA THR C 186 10.92 21.52 -10.05
C THR C 186 11.68 20.79 -8.94
N PHE C 187 11.51 19.47 -8.84
CA PHE C 187 12.22 18.71 -7.82
C PHE C 187 13.74 18.76 -8.05
N ALA C 188 14.18 18.59 -9.31
CA ALA C 188 15.60 18.65 -9.59
C ALA C 188 16.19 20.02 -9.29
N SER C 189 15.37 21.07 -9.28
CA SER C 189 15.85 22.42 -9.04
C SER C 189 16.05 22.72 -7.56
N TYR C 190 15.43 21.96 -6.67
CA TYR C 190 15.54 22.19 -5.23
C TYR C 190 16.50 21.16 -4.65
N PRO C 191 17.71 21.53 -4.25
CA PRO C 191 18.70 20.53 -3.83
C PRO C 191 18.45 19.92 -2.45
N HIS C 192 17.42 20.36 -1.74
CA HIS C 192 17.08 19.77 -0.45
C HIS C 192 15.85 18.87 -0.52
N PHE C 193 15.44 18.47 -1.71
CA PHE C 193 14.39 17.49 -1.88
C PHE C 193 15.00 16.10 -2.10
N PHE C 194 14.42 15.08 -1.44
CA PHE C 194 15.06 13.77 -1.50
C PHE C 194 14.16 12.60 -1.87
N GLU C 195 12.85 12.68 -1.61
CA GLU C 195 12.04 11.49 -1.85
C GLU C 195 10.55 11.85 -1.92
N LEU C 196 9.83 11.19 -2.82
CA LEU C 196 8.38 11.26 -2.87
C LEU C 196 7.85 9.90 -3.30
N LYS C 197 6.81 9.42 -2.61
CA LYS C 197 6.15 8.18 -3.00
C LYS C 197 4.64 8.36 -2.95
N ARG C 198 3.94 7.73 -3.89
CA ARG C 198 2.49 7.63 -3.83
CA ARG C 198 2.49 7.64 -3.82
C ARG C 198 2.09 6.58 -2.80
N THR C 199 1.02 6.84 -2.07
CA THR C 199 0.63 5.89 -1.04
C THR C 199 -0.88 5.79 -0.97
N ARG C 200 -1.35 4.68 -0.40
CA ARG C 200 -2.76 4.31 -0.36
C ARG C 200 -3.23 4.49 1.09
N THR C 201 -3.48 5.75 1.46
CA THR C 201 -3.77 6.14 2.85
C THR C 201 -4.88 7.20 2.82
N GLU C 202 -5.96 6.99 3.56
CA GLU C 202 -7.09 7.92 3.44
C GLU C 202 -7.71 8.22 4.78
N PRO C 203 -8.23 9.43 4.98
CA PRO C 203 -8.98 9.74 6.20
C PRO C 203 -10.43 9.32 6.04
N PRO C 204 -11.24 9.40 7.10
CA PRO C 204 -12.68 9.18 6.92
C PRO C 204 -13.30 10.38 6.20
N GLN C 205 -14.07 10.09 5.15
CA GLN C 205 -14.70 11.15 4.36
C GLN C 205 -16.21 11.00 4.48
N PHE C 206 -16.86 12.02 5.00
CA PHE C 206 -18.28 11.95 5.31
C PHE C 206 -19.11 12.57 4.20
N ASP C 207 -20.42 12.37 4.27
CA ASP C 207 -21.38 12.66 3.19
C ASP C 207 -20.76 12.58 1.79
N GLN D 7 -13.98 25.84 -0.75
CA GLN D 7 -13.02 26.58 -1.57
C GLN D 7 -11.58 26.15 -1.32
N LYS D 8 -11.20 26.04 -0.04
CA LYS D 8 -9.86 25.58 0.31
C LYS D 8 -9.83 24.05 0.40
N SER D 9 -8.84 23.45 -0.27
CA SER D 9 -8.67 22.00 -0.21
C SER D 9 -8.15 21.57 1.15
N VAL D 10 -8.79 20.55 1.73
CA VAL D 10 -8.36 20.05 3.04
C VAL D 10 -7.24 19.05 2.82
N ALA D 11 -6.06 19.35 3.38
CA ALA D 11 -4.92 18.46 3.34
C ALA D 11 -4.75 17.87 4.74
N ASP D 12 -4.86 16.54 4.82
CA ASP D 12 -4.61 15.82 6.06
C ASP D 12 -3.13 15.43 6.12
N PHE D 13 -2.51 15.66 7.27
CA PHE D 13 -1.06 15.52 7.43
C PHE D 13 -0.81 14.60 8.61
N TRP D 14 -0.22 13.43 8.36
CA TRP D 14 0.12 12.50 9.43
C TRP D 14 1.58 12.67 9.82
N PHE D 15 1.82 12.91 11.11
CA PHE D 15 3.14 13.19 11.66
C PHE D 15 3.43 12.27 12.82
N ASP D 16 4.72 11.96 13.01
CA ASP D 16 5.20 11.35 14.25
C ASP D 16 5.99 12.42 15.00
N PRO D 17 5.65 12.70 16.26
CA PRO D 17 6.29 13.82 16.98
C PRO D 17 7.81 13.73 17.09
N LEU D 18 8.38 12.54 17.00
CA LEU D 18 9.81 12.37 17.15
C LEU D 18 10.54 12.28 15.82
N CYS D 19 9.84 12.44 14.70
CA CYS D 19 10.46 12.29 13.38
C CYS D 19 10.92 13.64 12.86
N PRO D 20 12.22 13.84 12.59
CA PRO D 20 12.67 15.15 12.13
C PRO D 20 12.20 15.48 10.72
N TRP D 21 11.95 14.45 9.90
CA TRP D 21 11.43 14.71 8.56
C TRP D 21 9.98 15.16 8.59
N SER D 22 9.15 14.52 9.43
CA SER D 22 7.80 15.04 9.67
C SER D 22 7.83 16.50 10.05
N TRP D 23 8.76 16.87 10.95
CA TRP D 23 8.81 18.24 11.43
C TRP D 23 9.09 19.22 10.29
N ILE D 24 10.12 18.94 9.49
CA ILE D 24 10.49 19.86 8.41
C ILE D 24 9.36 19.96 7.38
N THR D 25 8.80 18.81 6.98
CA THR D 25 7.76 18.85 5.96
C THR D 25 6.47 19.48 6.49
N SER D 26 6.24 19.40 7.81
CA SER D 26 5.06 20.06 8.39
C SER D 26 5.24 21.58 8.44
N ARG D 27 6.45 22.05 8.71
CA ARG D 27 6.69 23.48 8.60
C ARG D 27 6.56 23.93 7.14
N TRP D 28 6.96 23.08 6.19
CA TRP D 28 6.78 23.40 4.78
C TRP D 28 5.31 23.51 4.41
N ILE D 29 4.48 22.59 4.88
CA ILE D 29 3.09 22.65 4.44
C ILE D 29 2.40 23.88 5.03
N LEU D 30 2.81 24.32 6.22
CA LEU D 30 2.29 25.58 6.74
C LEU D 30 2.74 26.77 5.88
N GLU D 31 3.95 26.72 5.31
CA GLU D 31 4.35 27.74 4.35
C GLU D 31 3.53 27.64 3.07
N VAL D 32 3.25 26.41 2.63
CA VAL D 32 2.42 26.20 1.44
C VAL D 32 1.05 26.82 1.64
N ALA D 33 0.48 26.69 2.85
CA ALA D 33 -0.86 27.25 3.07
C ALA D 33 -0.86 28.77 2.92
N LYS D 34 0.29 29.43 2.93
CA LYS D 34 0.31 30.87 2.74
C LYS D 34 0.20 31.27 1.28
N VAL D 35 0.55 30.37 0.36
CA VAL D 35 0.62 30.67 -1.07
C VAL D 35 -0.22 29.76 -1.92
N ARG D 36 -0.90 28.78 -1.31
CA ARG D 36 -1.83 27.89 -2.01
C ARG D 36 -3.10 27.78 -1.19
N ASP D 37 -4.22 27.49 -1.86
CA ASP D 37 -5.52 27.46 -1.19
C ASP D 37 -5.76 26.08 -0.56
N ILE D 38 -5.06 25.84 0.54
CA ILE D 38 -5.21 24.60 1.30
C ILE D 38 -5.35 24.92 2.78
N GLU D 39 -6.05 24.05 3.49
CA GLU D 39 -6.08 24.10 4.94
C GLU D 39 -5.64 22.74 5.44
N VAL D 40 -4.85 22.73 6.51
CA VAL D 40 -4.11 21.54 6.93
C VAL D 40 -4.73 21.02 8.23
N ASN D 41 -5.04 19.72 8.27
CA ASN D 41 -5.42 19.03 9.50
C ASN D 41 -4.32 18.03 9.85
N PHE D 42 -3.73 18.19 11.04
CA PHE D 42 -2.70 17.29 11.51
C PHE D 42 -3.30 16.14 12.32
N HIS D 43 -2.69 14.96 12.18
CA HIS D 43 -3.10 13.74 12.86
C HIS D 43 -1.83 12.98 13.23
N VAL D 44 -1.78 12.44 14.44
CA VAL D 44 -0.58 11.75 14.86
C VAL D 44 -0.54 10.35 14.23
N MET D 45 0.67 9.89 13.89
CA MET D 45 0.90 8.58 13.31
C MET D 45 2.25 8.07 13.80
N SER D 46 2.33 6.77 14.08
CA SER D 46 3.61 6.12 14.38
C SER D 46 3.70 4.76 13.72
N LEU D 47 4.81 4.52 13.02
CA LEU D 47 5.05 3.25 12.37
C LEU D 47 5.24 2.10 13.36
N ALA D 48 5.53 2.40 14.62
CA ALA D 48 5.66 1.35 15.63
C ALA D 48 4.32 0.65 15.88
N ILE D 49 3.21 1.35 15.69
CA ILE D 49 1.91 0.85 16.14
C ILE D 49 1.58 -0.50 15.50
N LEU D 50 1.77 -0.61 14.18
CA LEU D 50 1.47 -1.85 13.47
C LEU D 50 2.67 -2.77 13.31
N ASN D 51 3.88 -2.31 13.63
CA ASN D 51 5.08 -3.15 13.57
C ASN D 51 6.22 -2.52 14.34
N GLU D 52 6.49 -3.02 15.54
CA GLU D 52 7.48 -2.40 16.41
C GLU D 52 8.92 -2.69 15.99
N ASN D 53 9.14 -3.76 15.22
CA ASN D 53 10.49 -4.12 14.79
C ASN D 53 10.80 -3.61 13.39
N ARG D 54 10.32 -2.42 13.04
CA ARG D 54 10.75 -1.77 11.81
C ARG D 54 12.06 -1.04 12.03
N ASP D 55 12.96 -1.13 11.05
CA ASP D 55 14.26 -0.50 11.14
C ASP D 55 14.23 0.99 10.79
N ASP D 56 13.15 1.45 10.15
CA ASP D 56 13.01 2.85 9.78
C ASP D 56 12.16 3.64 10.77
N LEU D 57 12.03 3.15 12.00
CA LEU D 57 11.47 3.99 13.04
C LEU D 57 12.40 5.18 13.28
N PRO D 58 11.87 6.32 13.72
CA PRO D 58 12.74 7.45 14.08
C PRO D 58 13.80 7.02 15.08
N GLU D 59 14.95 7.71 15.03
CA GLU D 59 16.09 7.30 15.84
C GLU D 59 15.78 7.33 17.32
N GLN D 60 14.92 8.25 17.77
CA GLN D 60 14.64 8.38 19.19
C GLN D 60 13.89 7.18 19.75
N TYR D 61 13.26 6.37 18.90
CA TYR D 61 12.61 5.16 19.42
C TYR D 61 13.64 4.16 19.93
N ARG D 62 14.90 4.28 19.51
CA ARG D 62 15.95 3.41 20.03
C ARG D 62 16.16 3.62 21.52
N GLU D 63 15.96 4.85 22.00
CA GLU D 63 16.20 5.19 23.40
C GLU D 63 15.02 4.84 24.29
N GLY D 64 14.30 3.76 23.96
CA GLY D 64 13.18 3.32 24.78
C GLY D 64 11.82 3.48 24.13
N MET D 65 11.06 2.39 24.03
CA MET D 65 9.72 2.46 23.46
C MET D 65 8.77 3.22 24.37
N ALA D 66 8.88 3.03 25.69
CA ALA D 66 7.95 3.67 26.61
C ALA D 66 8.14 5.18 26.65
N ARG D 67 9.37 5.66 26.43
CA ARG D 67 9.61 7.09 26.29
C ARG D 67 9.01 7.62 24.98
N ALA D 68 9.27 6.92 23.87
CA ALA D 68 8.80 7.36 22.57
C ALA D 68 7.28 7.36 22.50
N TRP D 69 6.63 6.39 23.14
CA TRP D 69 5.17 6.34 23.14
C TRP D 69 4.57 7.58 23.79
N GLY D 70 5.33 8.29 24.61
CA GLY D 70 4.82 9.41 25.39
C GLY D 70 4.12 10.49 24.58
N PRO D 71 4.85 11.15 23.68
CA PRO D 71 4.23 12.18 22.85
C PRO D 71 3.12 11.64 21.95
N VAL D 72 3.29 10.43 21.43
CA VAL D 72 2.29 9.84 20.54
C VAL D 72 0.97 9.65 21.27
N ARG D 73 1.03 9.11 22.49
CA ARG D 73 -0.19 8.82 23.23
C ARG D 73 -0.92 10.10 23.60
N VAL D 74 -0.18 11.14 24.01
CA VAL D 74 -0.81 12.42 24.34
C VAL D 74 -1.50 13.01 23.12
N ALA D 75 -0.83 12.92 21.96
CA ALA D 75 -1.42 13.47 20.74
C ALA D 75 -2.67 12.70 20.33
N ILE D 76 -2.66 11.37 20.50
CA ILE D 76 -3.88 10.59 20.28
C ILE D 76 -5.00 11.08 21.18
N ALA D 77 -4.72 11.17 22.49
CA ALA D 77 -5.75 11.55 23.45
C ALA D 77 -6.32 12.93 23.11
N ALA D 78 -5.45 13.89 22.80
CA ALA D 78 -5.94 15.24 22.51
C ALA D 78 -6.83 15.25 21.28
N GLU D 79 -6.44 14.53 20.21
CA GLU D 79 -7.28 14.48 19.03
C GLU D 79 -8.61 13.79 19.32
N GLN D 80 -8.59 12.68 20.08
CA GLN D 80 -9.83 12.00 20.38
C GLN D 80 -10.77 12.87 21.20
N ALA D 81 -10.22 13.73 22.08
CA ALA D 81 -11.05 14.55 22.96
C ALA D 81 -11.47 15.86 22.31
N HIS D 82 -10.62 16.48 21.49
CA HIS D 82 -10.91 17.81 20.97
C HIS D 82 -10.86 17.94 19.45
N GLY D 83 -10.53 16.88 18.72
CA GLY D 83 -10.44 16.93 17.28
C GLY D 83 -9.05 17.34 16.80
N ALA D 84 -8.84 17.12 15.50
CA ALA D 84 -7.51 17.34 14.92
C ALA D 84 -7.06 18.80 15.00
N LYS D 85 -8.01 19.73 15.05
CA LYS D 85 -7.65 21.14 14.97
C LYS D 85 -6.70 21.56 16.09
N VAL D 86 -6.82 20.95 17.28
CA VAL D 86 -5.93 21.31 18.37
C VAL D 86 -4.53 20.77 18.18
N LEU D 87 -4.34 19.82 17.26
CA LEU D 87 -3.00 19.29 17.01
C LEU D 87 -2.11 20.28 16.26
N ASP D 88 -2.70 21.24 15.55
CA ASP D 88 -1.88 22.29 14.94
C ASP D 88 -1.06 23.02 15.99
N PRO D 89 -1.65 23.63 17.03
CA PRO D 89 -0.80 24.28 18.05
C PRO D 89 -0.01 23.30 18.91
N LEU D 90 -0.56 22.13 19.21
CA LEU D 90 0.16 21.18 20.05
C LEU D 90 1.43 20.67 19.37
N TYR D 91 1.34 20.33 18.08
CA TYR D 91 2.51 19.84 17.36
C TYR D 91 3.59 20.93 17.24
N THR D 92 3.18 22.17 16.94
CA THR D 92 4.15 23.25 16.84
C THR D 92 4.90 23.40 18.15
N ALA D 93 4.17 23.40 19.27
CA ALA D 93 4.80 23.50 20.58
C ALA D 93 5.75 22.33 20.83
N MET D 94 5.29 21.11 20.56
CA MET D 94 6.13 19.94 20.78
C MET D 94 7.38 19.99 19.92
N GLY D 95 7.22 20.28 18.62
CA GLY D 95 8.34 20.19 17.70
C GLY D 95 9.37 21.28 17.91
N ASN D 96 8.92 22.49 18.22
CA ASN D 96 9.84 23.56 18.60
C ASN D 96 10.79 23.09 19.68
N ARG D 97 10.27 22.37 20.68
CA ARG D 97 11.12 21.90 21.77
C ARG D 97 11.96 20.69 21.36
N ILE D 98 11.34 19.67 20.78
CA ILE D 98 12.04 18.42 20.50
C ILE D 98 13.10 18.63 19.41
N HIS D 99 12.73 19.27 18.31
CA HIS D 99 13.60 19.37 17.15
C HIS D 99 14.39 20.67 17.13
N ASN D 100 13.69 21.82 17.08
CA ASN D 100 14.38 23.11 17.02
C ASN D 100 15.36 23.27 18.18
N GLN D 101 14.95 22.87 19.39
CA GLN D 101 15.73 23.16 20.58
C GLN D 101 16.35 21.92 21.22
N GLY D 102 16.21 20.74 20.63
CA GLY D 102 16.88 19.56 21.13
C GLY D 102 16.42 19.07 22.48
N ASN D 103 15.36 19.67 23.05
CA ASN D 103 14.75 19.26 24.31
C ASN D 103 14.43 17.76 24.32
N HIS D 104 15.23 16.96 25.01
CA HIS D 104 15.02 15.52 25.07
C HIS D 104 14.26 15.07 26.30
N GLU D 105 13.95 15.97 27.23
CA GLU D 105 13.15 15.60 28.41
C GLU D 105 11.69 15.65 28.00
N LEU D 106 11.18 14.49 27.54
CA LEU D 106 9.88 14.47 26.87
C LEU D 106 8.74 14.81 27.82
N ASP D 107 8.79 14.29 29.05
CA ASP D 107 7.76 14.64 30.04
C ASP D 107 7.69 16.14 30.24
N GLU D 108 8.84 16.79 30.35
CA GLU D 108 8.86 18.24 30.42
C GLU D 108 8.35 18.87 29.14
N VAL D 109 8.62 18.25 27.98
CA VAL D 109 8.11 18.76 26.71
C VAL D 109 6.59 18.67 26.67
N ILE D 110 6.02 17.55 27.11
CA ILE D 110 4.59 17.34 27.03
C ILE D 110 3.85 18.36 27.90
N THR D 111 4.29 18.52 29.15
CA THR D 111 3.66 19.48 30.06
C THR D 111 3.62 20.87 29.44
N GLN D 112 4.80 21.39 29.06
CA GLN D 112 4.87 22.73 28.49
C GLN D 112 4.01 22.85 27.24
N SER D 113 4.04 21.84 26.38
CA SER D 113 3.34 21.93 25.10
C SER D 113 1.83 22.02 25.27
N LEU D 114 1.26 21.23 26.19
CA LEU D 114 -0.17 21.30 26.45
C LEU D 114 -0.55 22.69 26.93
N ALA D 115 0.25 23.25 27.84
CA ALA D 115 -0.01 24.62 28.31
C ALA D 115 0.08 25.60 27.16
N ASP D 116 1.16 25.54 26.39
CA ASP D 116 1.34 26.46 25.26
C ASP D 116 0.16 26.36 24.29
N ALA D 117 -0.35 25.16 24.08
CA ALA D 117 -1.46 24.98 23.15
C ALA D 117 -2.81 25.29 23.78
N GLY D 118 -2.85 25.56 25.08
CA GLY D 118 -4.10 25.81 25.75
C GLY D 118 -4.97 24.58 25.93
N LEU D 119 -4.37 23.44 26.24
CA LEU D 119 -5.10 22.19 26.37
C LEU D 119 -5.06 21.69 27.82
N PRO D 120 -6.06 20.90 28.24
CA PRO D 120 -6.09 20.39 29.61
C PRO D 120 -4.82 19.67 30.01
N ALA D 121 -4.21 20.09 31.12
CA ALA D 121 -2.97 19.46 31.57
C ALA D 121 -3.18 17.99 31.89
N GLU D 122 -4.42 17.58 32.17
CA GLU D 122 -4.70 16.17 32.44
C GLU D 122 -4.37 15.29 31.24
N LEU D 123 -4.38 15.86 30.03
CA LEU D 123 -4.03 15.09 28.84
C LEU D 123 -2.63 14.51 28.96
N ALA D 124 -1.77 15.13 29.77
CA ALA D 124 -0.41 14.60 29.95
C ALA D 124 -0.44 13.20 30.54
N LYS D 125 -1.46 12.86 31.32
CA LYS D 125 -1.53 11.54 31.93
C LYS D 125 -1.74 10.44 30.91
N ALA D 126 -2.01 10.78 29.65
CA ALA D 126 -2.18 9.75 28.63
C ALA D 126 -0.88 9.07 28.27
N ALA D 127 0.26 9.69 28.59
CA ALA D 127 1.55 9.16 28.15
C ALA D 127 1.81 7.76 28.70
N THR D 128 1.31 7.47 29.90
CA THR D 128 1.60 6.18 30.53
C THR D 128 0.64 5.08 30.09
N SER D 129 -0.48 5.43 29.48
CA SER D 129 -1.55 4.50 29.22
C SER D 129 -1.36 3.76 27.90
N ASP D 130 -1.39 2.43 27.98
CA ASP D 130 -1.29 1.56 26.82
C ASP D 130 -2.56 1.53 25.99
N ALA D 131 -3.65 2.14 26.48
CA ALA D 131 -4.93 2.02 25.79
C ALA D 131 -4.96 2.84 24.50
N TYR D 132 -4.26 3.96 24.47
CA TYR D 132 -4.37 4.86 23.32
C TYR D 132 -3.77 4.24 22.07
N ASP D 133 -2.55 3.70 22.17
CA ASP D 133 -1.94 3.11 20.98
C ASP D 133 -2.57 1.76 20.65
N ASN D 134 -2.97 0.99 21.66
CA ASN D 134 -3.57 -0.31 21.39
C ASN D 134 -4.91 -0.17 20.71
N ALA D 135 -5.66 0.89 21.00
CA ALA D 135 -6.93 1.14 20.31
C ALA D 135 -6.73 1.18 18.79
N LEU D 136 -5.82 2.04 18.32
CA LEU D 136 -5.55 2.13 16.88
C LEU D 136 -5.09 0.79 16.32
N ARG D 137 -4.15 0.14 17.02
CA ARG D 137 -3.61 -1.13 16.55
C ARG D 137 -4.71 -2.17 16.31
N LYS D 138 -5.69 -2.24 17.22
CA LYS D 138 -6.72 -3.28 17.15
C LYS D 138 -7.51 -3.22 15.86
N SER D 139 -7.72 -2.01 15.34
CA SER D 139 -8.51 -1.84 14.13
C SER D 139 -7.63 -1.53 12.92
N HIS D 140 -6.33 -1.85 13.00
CA HIS D 140 -5.40 -1.79 11.87
C HIS D 140 -5.15 -0.35 11.44
N HIS D 141 -5.09 0.56 12.40
CA HIS D 141 -4.78 1.96 12.11
C HIS D 141 -3.34 2.26 12.50
N ALA D 142 -2.58 2.82 11.57
CA ALA D 142 -1.23 3.26 11.87
C ALA D 142 -1.18 4.66 12.47
N GLY D 143 -2.19 5.47 12.20
CA GLY D 143 -2.31 6.79 12.80
C GLY D 143 -3.76 7.10 13.10
N MET D 144 -3.98 8.22 13.78
CA MET D 144 -5.34 8.66 14.04
C MET D 144 -6.04 8.97 12.72
N ASP D 145 -7.24 8.41 12.56
CA ASP D 145 -8.12 8.71 11.42
C ASP D 145 -7.47 8.40 10.07
N ALA D 146 -6.72 7.31 10.02
CA ALA D 146 -6.12 6.84 8.78
C ALA D 146 -6.43 5.36 8.60
N VAL D 147 -6.73 4.97 7.35
CA VAL D 147 -6.72 3.57 6.98
C VAL D 147 -5.79 3.42 5.80
N GLY D 148 -5.32 2.20 5.59
CA GLY D 148 -4.51 1.88 4.44
C GLY D 148 -3.06 1.65 4.79
N GLU D 149 -2.22 1.79 3.75
CA GLU D 149 -0.77 1.72 3.81
C GLU D 149 -0.21 2.70 4.85
N ASP D 150 0.90 2.32 5.49
CA ASP D 150 1.69 3.28 6.26
C ASP D 150 3.15 3.16 5.81
N VAL D 151 3.47 3.83 4.70
CA VAL D 151 4.84 3.76 4.20
C VAL D 151 5.79 4.55 5.10
N GLY D 152 5.29 5.60 5.74
CA GLY D 152 6.12 6.39 6.61
C GLY D 152 5.45 7.70 6.97
N THR D 153 6.17 8.50 7.74
CA THR D 153 5.80 9.86 8.06
C THR D 153 6.87 10.79 7.51
N PRO D 154 6.49 11.94 6.94
CA PRO D 154 5.13 12.47 6.80
C PRO D 154 4.33 11.82 5.65
N THR D 155 3.04 11.63 5.87
CA THR D 155 2.10 11.26 4.82
C THR D 155 1.06 12.37 4.72
N ILE D 156 0.71 12.72 3.49
CA ILE D 156 -0.25 13.79 3.21
C ILE D 156 -1.33 13.24 2.29
N HIS D 157 -2.59 13.53 2.59
CA HIS D 157 -3.72 13.24 1.73
C HIS D 157 -4.43 14.54 1.34
N VAL D 158 -4.63 14.73 0.05
CA VAL D 158 -5.26 15.95 -0.46
C VAL D 158 -5.79 15.65 -1.85
N ASN D 159 -6.88 16.33 -2.23
CA ASN D 159 -7.44 16.24 -3.57
C ASN D 159 -7.62 14.78 -4.00
N GLY D 160 -8.03 13.93 -3.05
CA GLY D 160 -8.27 12.54 -3.36
C GLY D 160 -7.05 11.69 -3.57
N VAL D 161 -5.83 12.22 -3.36
CA VAL D 161 -4.62 11.42 -3.52
C VAL D 161 -3.79 11.54 -2.25
N ALA D 162 -2.84 10.62 -2.09
CA ALA D 162 -2.01 10.62 -0.90
C ALA D 162 -0.56 10.36 -1.28
N PHE D 163 0.35 10.91 -0.50
CA PHE D 163 1.76 10.69 -0.78
C PHE D 163 2.56 10.68 0.51
N PHE D 164 3.67 9.95 0.46
CA PHE D 164 4.69 10.00 1.49
C PHE D 164 5.74 11.02 1.06
N GLY D 165 6.05 11.96 1.94
CA GLY D 165 6.94 13.05 1.61
C GLY D 165 6.17 14.32 1.33
N PRO D 166 6.79 15.28 0.60
CA PRO D 166 8.17 15.20 0.15
C PRO D 166 9.13 15.17 1.34
N VAL D 167 10.19 14.39 1.22
CA VAL D 167 11.26 14.40 2.20
C VAL D 167 12.16 15.58 1.89
N LEU D 168 12.21 16.55 2.80
CA LEU D 168 12.96 17.79 2.61
C LEU D 168 13.97 17.93 3.75
N SER D 169 15.21 18.28 3.42
CA SER D 169 16.19 18.50 4.47
C SER D 169 16.25 19.95 4.95
N LYS D 170 15.49 20.84 4.31
CA LYS D 170 15.34 22.23 4.74
C LYS D 170 13.91 22.66 4.47
N ILE D 171 13.46 23.66 5.22
CA ILE D 171 12.11 24.20 5.08
C ILE D 171 12.08 25.21 3.93
N PRO D 172 11.45 24.90 2.80
CA PRO D 172 11.28 25.90 1.76
C PRO D 172 10.20 26.90 2.13
N ARG D 173 10.26 28.07 1.51
CA ARG D 173 9.34 29.16 1.80
C ARG D 173 8.86 29.80 0.50
N GLY D 174 7.75 30.51 0.58
CA GLY D 174 7.24 31.34 -0.49
C GLY D 174 6.84 30.53 -1.72
N GLU D 175 7.00 31.14 -2.90
CA GLU D 175 6.55 30.47 -4.11
C GLU D 175 7.32 29.18 -4.37
N GLU D 176 8.57 29.08 -3.89
CA GLU D 176 9.30 27.82 -4.00
C GLU D 176 8.55 26.70 -3.27
N ALA D 177 8.12 26.98 -2.04
CA ALA D 177 7.33 26.00 -1.29
C ALA D 177 6.07 25.60 -2.06
N GLY D 178 5.41 26.58 -2.67
CA GLY D 178 4.22 26.29 -3.45
C GLY D 178 4.50 25.46 -4.69
N LYS D 179 5.64 25.73 -5.36
CA LYS D 179 6.02 24.94 -6.51
C LYS D 179 6.28 23.48 -6.14
N LEU D 180 6.93 23.25 -5.00
CA LEU D 180 7.15 21.89 -4.54
C LEU D 180 5.83 21.20 -4.17
N TRP D 181 4.87 21.98 -3.65
CA TRP D 181 3.54 21.44 -3.43
C TRP D 181 2.89 21.03 -4.75
N ASP D 182 2.94 21.92 -5.74
CA ASP D 182 2.38 21.58 -7.04
C ASP D 182 3.02 20.31 -7.60
N ALA D 183 4.35 20.20 -7.49
CA ALA D 183 5.03 19.05 -8.06
C ALA D 183 4.64 17.76 -7.34
N SER D 184 4.55 17.80 -6.00
CA SER D 184 4.14 16.63 -5.22
C SER D 184 2.74 16.17 -5.60
N VAL D 185 1.80 17.13 -5.70
CA VAL D 185 0.43 16.77 -6.08
C VAL D 185 0.38 16.24 -7.50
N THR D 186 1.17 16.81 -8.42
CA THR D 186 1.20 16.32 -9.80
C THR D 186 1.64 14.85 -9.84
N PHE D 187 2.75 14.53 -9.19
CA PHE D 187 3.19 13.13 -9.20
C PHE D 187 2.17 12.22 -8.52
N ALA D 188 1.64 12.64 -7.35
CA ALA D 188 0.73 11.78 -6.61
C ALA D 188 -0.58 11.58 -7.35
N SER D 189 -0.93 12.49 -8.26
CA SER D 189 -2.17 12.38 -9.03
C SER D 189 -2.03 11.51 -10.26
N TYR D 190 -0.84 11.01 -10.59
CA TYR D 190 -0.72 10.07 -11.68
C TYR D 190 -0.82 8.66 -11.10
N PRO D 191 -1.86 7.89 -11.40
CA PRO D 191 -2.11 6.65 -10.65
C PRO D 191 -1.09 5.56 -10.90
N HIS D 192 -0.19 5.71 -11.86
CA HIS D 192 0.81 4.69 -12.17
C HIS D 192 2.21 5.14 -11.79
N PHE D 193 2.30 6.18 -10.96
CA PHE D 193 3.57 6.63 -10.38
C PHE D 193 3.76 5.97 -9.02
N PHE D 194 5.01 5.64 -8.71
CA PHE D 194 5.26 4.94 -7.46
C PHE D 194 6.34 5.63 -6.62
N GLU D 195 7.45 6.02 -7.23
CA GLU D 195 8.56 6.48 -6.40
C GLU D 195 9.49 7.38 -7.19
N LEU D 196 9.96 8.44 -6.53
CA LEU D 196 11.04 9.29 -7.03
C LEU D 196 11.95 9.60 -5.85
N LYS D 197 13.25 9.36 -6.03
CA LYS D 197 14.16 9.38 -4.89
C LYS D 197 15.57 9.76 -5.33
N ARG D 198 16.24 10.56 -4.51
CA ARG D 198 17.68 10.73 -4.68
C ARG D 198 18.39 10.42 -3.37
N THR D 199 19.63 9.95 -3.50
CA THR D 199 20.43 9.59 -2.33
C THR D 199 20.59 10.81 -1.42
N ARG D 200 20.34 10.60 -0.13
CA ARG D 200 20.35 11.71 0.82
C ARG D 200 21.73 11.84 1.45
N THR D 201 22.33 13.01 1.27
CA THR D 201 23.63 13.34 1.84
C THR D 201 23.54 14.41 2.91
N GLU D 202 22.33 14.89 3.22
CA GLU D 202 22.15 16.02 4.12
C GLU D 202 21.34 15.59 5.34
N PRO D 203 21.75 16.01 6.54
CA PRO D 203 20.92 15.81 7.73
C PRO D 203 19.78 16.81 7.77
N PRO D 204 18.77 16.58 8.60
CA PRO D 204 17.72 17.58 8.78
C PRO D 204 18.29 18.89 9.30
N GLN D 205 17.82 20.00 8.73
CA GLN D 205 18.24 21.33 9.14
C GLN D 205 17.01 22.14 9.51
N PHE D 206 16.90 22.49 10.79
CA PHE D 206 15.74 23.22 11.30
C PHE D 206 15.99 24.72 11.24
N ASP D 207 15.05 25.51 11.75
CA ASP D 207 15.22 26.97 11.84
C ASP D 207 15.57 27.45 13.25
C1 EDO E . -20.38 -10.03 -6.81
O1 EDO E . -20.97 -8.73 -6.97
C2 EDO E . -21.45 -11.07 -6.43
O2 EDO E . -20.92 -12.41 -6.50
CL CL F . -17.35 -5.99 18.60
C1 EDO G . 14.93 9.97 5.10
O1 EDO G . 15.73 9.94 3.91
C2 EDO G . 14.17 8.65 5.22
O2 EDO G . 12.82 8.92 5.64
#